data_5WWQ
#
_entry.id   5WWQ
#
_cell.length_a   66.965
_cell.length_b   71.877
_cell.length_c   219.030
_cell.angle_alpha   90.000
_cell.angle_beta   90.000
_cell.angle_gamma   90.000
#
_symmetry.space_group_name_H-M   'P 21 21 21'
#
_entity_poly.entity_id   1
_entity_poly.type   'polypeptide(L)'
_entity_poly.pdbx_seq_one_letter_code
;MSIFPKISLRPEVENYLKEGFMNKEIVTALGKQEAERKFETLLKHLSHPPSFTTVRVNTHLASVQHVKNLLLDELQKQFN
GLSVPILQHPDLQDVLLIPVIGPRKNIKKQQCEAIVGAQCGNAVLRGAHVYAPGIVSASQFMKAGDVISVYSDIKGKCKK
GAKEFDGTKVFLGNGISELSRKEIFSGLPELKGMGIRMTEPVYLSPSFDSVLPRYLFLQNLPSALVSHVLNPQPGEKILD
LCAAPGGKTTHIAALMHDQGEVIALDKIFNKVEKIKQNALLLGLNSIRAFCFDGTKAVKLDMVEDTEGEPPFLPESFDRI
LLDAPCSGMGQRPNMACTWSVKEVASYQPLQRKLFTAAVQLLKPEGVLVYSTCTITLAENEEQVAWALTKFPCLQLQPQE
PQIGGEGMRGAGLSCEQLKQLQRFDPSAVPLPDTDMDSLREARREDMLRLANKDSIGFFIAKFVKCKSTLEHHHHHH
;
_entity_poly.pdbx_strand_id   A,B
#
# COMPACT_ATOMS: atom_id res chain seq x y z
N SER A 2 1.56 -32.50 12.98
CA SER A 2 2.69 -32.54 12.05
C SER A 2 3.91 -31.83 12.63
N ILE A 3 4.10 -30.57 12.23
CA ILE A 3 5.28 -29.81 12.63
C ILE A 3 5.01 -28.93 13.86
N PHE A 4 3.80 -28.41 13.96
CA PHE A 4 3.45 -27.53 15.07
C PHE A 4 2.83 -28.32 16.20
N PRO A 5 3.07 -27.88 17.45
CA PRO A 5 2.41 -28.51 18.60
C PRO A 5 0.90 -28.27 18.56
N LYS A 6 0.14 -28.95 19.41
CA LYS A 6 -1.29 -28.69 19.51
C LYS A 6 -1.51 -27.26 20.00
N ILE A 7 -2.72 -26.73 19.80
CA ILE A 7 -3.01 -25.37 20.23
C ILE A 7 -2.78 -25.22 21.73
N SER A 8 -2.15 -24.12 22.12
CA SER A 8 -1.79 -23.89 23.50
C SER A 8 -2.96 -23.32 24.27
N LEU A 9 -3.51 -24.13 25.19
CA LEU A 9 -4.64 -23.71 25.99
C LEU A 9 -4.31 -23.79 27.46
N ARG A 10 -5.05 -23.03 28.27
CA ARG A 10 -4.93 -23.15 29.71
C ARG A 10 -5.58 -24.46 30.12
N PRO A 11 -4.91 -25.23 30.99
CA PRO A 11 -5.33 -26.58 31.39
C PRO A 11 -6.81 -26.69 31.71
N GLU A 12 -7.32 -25.71 32.46
CA GLU A 12 -8.74 -25.61 32.76
C GLU A 12 -9.62 -25.58 31.50
N VAL A 13 -9.27 -24.72 30.56
CA VAL A 13 -10.01 -24.57 29.30
C VAL A 13 -9.98 -25.86 28.48
N GLU A 14 -8.80 -26.46 28.38
CA GLU A 14 -8.61 -27.71 27.66
C GLU A 14 -9.46 -28.81 28.28
N ASN A 15 -9.53 -28.81 29.61
CA ASN A 15 -10.35 -29.76 30.33
C ASN A 15 -11.84 -29.52 30.07
N TYR A 16 -12.22 -28.26 29.94
CA TYR A 16 -13.60 -27.90 29.60
C TYR A 16 -13.99 -28.44 28.23
N LEU A 17 -13.17 -28.12 27.23
CA LEU A 17 -13.40 -28.59 25.86
C LEU A 17 -13.43 -30.11 25.80
N LYS A 18 -12.52 -30.74 26.54
CA LYS A 18 -12.44 -32.19 26.58
C LYS A 18 -13.70 -32.78 27.19
N GLU A 19 -14.17 -32.18 28.28
CA GLU A 19 -15.44 -32.55 28.90
C GLU A 19 -16.56 -32.48 27.87
N GLY A 20 -16.53 -31.45 27.03
CA GLY A 20 -17.53 -31.30 26.00
C GLY A 20 -17.44 -32.33 24.89
N PHE A 21 -16.21 -32.77 24.59
CA PHE A 21 -15.98 -33.71 23.51
C PHE A 21 -15.87 -35.17 23.98
N MET A 22 -16.15 -35.41 25.26
CA MET A 22 -16.08 -36.76 25.81
C MET A 22 -17.39 -37.14 26.50
N ASN A 23 -18.50 -36.63 25.98
CA ASN A 23 -19.81 -36.97 26.51
C ASN A 23 -20.09 -38.45 26.30
N LYS A 24 -20.98 -39.01 27.13
CA LYS A 24 -21.23 -40.44 27.12
C LYS A 24 -21.79 -40.94 25.80
N GLU A 25 -22.39 -40.03 25.02
CA GLU A 25 -22.93 -40.37 23.70
C GLU A 25 -21.82 -40.69 22.71
N ILE A 26 -20.78 -39.85 22.71
CA ILE A 26 -19.65 -40.04 21.82
C ILE A 26 -18.81 -41.24 22.26
N VAL A 27 -18.58 -41.36 23.57
CA VAL A 27 -17.83 -42.47 24.10
C VAL A 27 -18.56 -43.78 23.82
N THR A 28 -19.89 -43.74 23.86
CA THR A 28 -20.69 -44.91 23.50
C THR A 28 -20.57 -45.22 22.02
N ALA A 29 -20.49 -44.18 21.20
CA ALA A 29 -20.50 -44.38 19.76
C ALA A 29 -19.14 -44.75 19.16
N LEU A 30 -18.06 -44.43 19.87
CA LEU A 30 -16.72 -44.62 19.32
C LEU A 30 -15.76 -45.34 20.28
N GLY A 31 -16.03 -45.24 21.57
CA GLY A 31 -15.10 -45.73 22.58
C GLY A 31 -14.27 -44.58 23.12
N LYS A 32 -13.70 -44.76 24.30
CA LYS A 32 -12.95 -43.69 24.95
C LYS A 32 -11.63 -43.38 24.26
N GLN A 33 -10.92 -44.41 23.82
CA GLN A 33 -9.63 -44.23 23.16
C GLN A 33 -9.76 -43.40 21.90
N GLU A 34 -10.76 -43.72 21.08
CA GLU A 34 -10.96 -43.01 19.82
C GLU A 34 -11.47 -41.60 20.04
N ALA A 35 -12.27 -41.41 21.09
CA ALA A 35 -12.73 -40.08 21.47
C ALA A 35 -11.54 -39.21 21.86
N GLU A 36 -10.65 -39.77 22.69
CA GLU A 36 -9.46 -39.07 23.13
C GLU A 36 -8.55 -38.73 21.95
N ARG A 37 -8.34 -39.71 21.06
CA ARG A 37 -7.48 -39.48 19.90
C ARG A 37 -8.06 -38.43 18.97
N LYS A 38 -9.38 -38.44 18.83
CA LYS A 38 -10.06 -37.50 17.94
C LYS A 38 -9.97 -36.10 18.50
N PHE A 39 -10.09 -35.99 19.82
CA PHE A 39 -9.98 -34.72 20.51
C PHE A 39 -8.56 -34.16 20.40
N GLU A 40 -7.57 -35.03 20.62
CA GLU A 40 -6.16 -34.62 20.55
C GLU A 40 -5.77 -34.19 19.14
N THR A 41 -6.22 -34.94 18.14
CA THR A 41 -5.98 -34.57 16.75
C THR A 41 -6.69 -33.26 16.43
N LEU A 42 -7.85 -33.06 17.03
CA LEU A 42 -8.59 -31.81 16.88
C LEU A 42 -7.76 -30.64 17.40
N LEU A 43 -7.19 -30.80 18.59
CA LEU A 43 -6.31 -29.77 19.15
C LEU A 43 -5.04 -29.61 18.34
N LYS A 44 -4.66 -30.65 17.62
CA LYS A 44 -3.40 -30.65 16.87
C LYS A 44 -3.57 -30.00 15.50
N HIS A 45 -4.79 -29.98 14.99
CA HIS A 45 -5.06 -29.41 13.67
C HIS A 45 -5.39 -27.92 13.73
N LEU A 46 -5.68 -27.42 14.93
CA LEU A 46 -6.03 -26.01 15.11
C LEU A 46 -4.82 -25.10 14.97
N SER A 47 -3.64 -25.65 15.24
CA SER A 47 -2.40 -24.88 15.15
C SER A 47 -1.95 -24.67 13.71
N HIS A 48 -2.39 -25.55 12.83
CA HIS A 48 -1.94 -25.52 11.44
C HIS A 48 -2.93 -24.78 10.55
N PRO A 49 -2.41 -24.02 9.58
CA PRO A 49 -3.25 -23.31 8.62
C PRO A 49 -4.00 -24.27 7.71
N PRO A 50 -5.21 -23.88 7.25
CA PRO A 50 -5.92 -24.69 6.26
C PRO A 50 -5.10 -24.84 4.98
N SER A 51 -5.26 -25.94 4.29
CA SER A 51 -4.51 -26.20 3.05
C SER A 51 -4.90 -25.21 1.95
N PHE A 52 -6.04 -24.55 2.12
CA PHE A 52 -6.53 -23.59 1.14
C PHE A 52 -6.98 -22.28 1.78
N THR A 53 -6.48 -21.17 1.24
CA THR A 53 -7.04 -19.86 1.56
C THR A 53 -8.10 -19.54 0.52
N THR A 54 -9.26 -19.10 0.99
CA THR A 54 -10.40 -18.86 0.11
C THR A 54 -10.77 -17.39 0.09
N VAL A 55 -11.22 -16.92 -1.07
CA VAL A 55 -11.65 -15.53 -1.20
C VAL A 55 -13.02 -15.47 -1.86
N ARG A 56 -13.82 -14.49 -1.47
CA ARG A 56 -15.14 -14.32 -2.08
C ARG A 56 -15.11 -13.19 -3.10
N VAL A 57 -15.54 -13.50 -4.32
CA VAL A 57 -15.61 -12.51 -5.39
C VAL A 57 -16.84 -11.63 -5.24
N ASN A 58 -16.62 -10.32 -5.27
CA ASN A 58 -17.73 -9.37 -5.24
C ASN A 58 -18.43 -9.37 -6.59
N THR A 59 -19.38 -10.29 -6.76
CA THR A 59 -20.06 -10.47 -8.04
C THR A 59 -20.94 -9.29 -8.43
N HIS A 60 -21.14 -8.37 -7.51
CA HIS A 60 -21.94 -7.18 -7.78
C HIS A 60 -21.20 -6.21 -8.68
N LEU A 61 -19.87 -6.28 -8.66
CA LEU A 61 -19.04 -5.35 -9.42
C LEU A 61 -18.19 -6.03 -10.48
N ALA A 62 -17.88 -7.31 -10.28
CA ALA A 62 -17.00 -8.02 -11.20
C ALA A 62 -17.38 -9.48 -11.37
N SER A 63 -17.03 -10.06 -12.52
CA SER A 63 -17.28 -11.47 -12.78
C SER A 63 -16.21 -12.33 -12.11
N VAL A 64 -16.54 -13.60 -11.88
CA VAL A 64 -15.62 -14.52 -11.21
C VAL A 64 -14.41 -14.84 -12.10
N GLN A 65 -14.63 -14.95 -13.40
CA GLN A 65 -13.56 -15.25 -14.35
C GLN A 65 -12.50 -14.14 -14.38
N HIS A 66 -12.97 -12.90 -14.50
CA HIS A 66 -12.10 -11.73 -14.53
C HIS A 66 -11.21 -11.65 -13.29
N VAL A 67 -11.85 -11.72 -12.13
CA VAL A 67 -11.15 -11.67 -10.85
C VAL A 67 -10.19 -12.85 -10.71
N LYS A 68 -10.59 -14.01 -11.22
CA LYS A 68 -9.73 -15.19 -11.21
C LYS A 68 -8.45 -14.93 -12.00
N ASN A 69 -8.59 -14.33 -13.18
CA ASN A 69 -7.44 -13.99 -14.00
C ASN A 69 -6.53 -12.99 -13.31
N LEU A 70 -7.14 -11.93 -12.77
CA LEU A 70 -6.40 -10.89 -12.04
C LEU A 70 -5.61 -11.48 -10.87
N LEU A 71 -6.24 -12.43 -10.17
CA LEU A 71 -5.60 -13.08 -9.04
C LEU A 71 -4.49 -14.01 -9.49
N LEU A 72 -4.66 -14.62 -10.66
CA LEU A 72 -3.59 -15.43 -11.25
C LEU A 72 -2.36 -14.55 -11.51
N ASP A 73 -2.62 -13.38 -12.10
CA ASP A 73 -1.55 -12.41 -12.34
C ASP A 73 -0.86 -11.99 -11.04
N GLU A 74 -1.65 -11.55 -10.06
CA GLU A 74 -1.11 -11.13 -8.78
C GLU A 74 -0.28 -12.23 -8.12
N LEU A 75 -0.74 -13.47 -8.26
CA LEU A 75 -0.04 -14.60 -7.67
C LEU A 75 1.26 -14.91 -8.39
N GLN A 76 1.28 -14.74 -9.71
CA GLN A 76 2.52 -14.96 -10.45
C GLN A 76 3.47 -13.78 -10.24
N LYS A 77 2.93 -12.70 -9.68
CA LYS A 77 3.77 -11.57 -9.27
C LYS A 77 4.39 -11.77 -7.89
N GLN A 78 3.60 -12.28 -6.94
CA GLN A 78 4.05 -12.42 -5.56
C GLN A 78 5.14 -13.46 -5.35
N PHE A 79 5.11 -14.53 -6.15
CA PHE A 79 6.00 -15.67 -5.90
C PHE A 79 7.13 -15.82 -6.91
N ASN A 80 7.54 -14.70 -7.49
CA ASN A 80 8.64 -14.67 -8.46
C ASN A 80 8.48 -15.67 -9.61
N GLY A 81 7.35 -15.56 -10.31
CA GLY A 81 7.11 -16.36 -11.51
C GLY A 81 6.56 -17.75 -11.27
N LEU A 82 6.26 -18.09 -10.02
CA LEU A 82 5.59 -19.35 -9.74
C LEU A 82 4.08 -19.17 -9.82
N SER A 83 3.46 -19.81 -10.80
CA SER A 83 2.02 -19.71 -11.01
C SER A 83 1.29 -20.88 -10.35
N VAL A 84 0.39 -20.57 -9.43
CA VAL A 84 -0.38 -21.61 -8.74
C VAL A 84 -1.83 -21.56 -9.19
N PRO A 85 -2.49 -22.72 -9.23
CA PRO A 85 -3.87 -22.77 -9.73
C PRO A 85 -4.88 -22.17 -8.76
N ILE A 86 -5.95 -21.62 -9.30
CA ILE A 86 -7.07 -21.15 -8.50
C ILE A 86 -8.33 -21.87 -8.92
N LEU A 87 -9.11 -22.37 -7.97
CA LEU A 87 -10.30 -23.14 -8.33
C LEU A 87 -11.61 -22.48 -7.92
N GLN A 88 -12.54 -22.39 -8.86
CA GLN A 88 -13.87 -21.90 -8.55
C GLN A 88 -14.70 -23.04 -7.97
N HIS A 89 -15.19 -22.85 -6.74
CA HIS A 89 -15.96 -23.88 -6.06
C HIS A 89 -17.25 -24.14 -6.83
N PRO A 90 -17.52 -25.42 -7.13
CA PRO A 90 -18.70 -25.84 -7.91
C PRO A 90 -20.02 -25.43 -7.26
N ASP A 91 -20.09 -25.58 -5.95
CA ASP A 91 -21.33 -25.27 -5.22
C ASP A 91 -21.37 -23.80 -4.81
N LEU A 92 -20.22 -23.27 -4.40
CA LEU A 92 -20.10 -21.86 -4.05
C LEU A 92 -19.33 -21.13 -5.14
N GLN A 93 -20.04 -20.78 -6.22
CA GLN A 93 -19.41 -20.31 -7.45
C GLN A 93 -18.90 -18.87 -7.36
N ASP A 94 -19.11 -18.22 -6.23
CA ASP A 94 -18.54 -16.89 -6.00
C ASP A 94 -17.28 -16.99 -5.16
N VAL A 95 -16.87 -18.22 -4.86
CA VAL A 95 -15.71 -18.47 -4.01
C VAL A 95 -14.53 -19.04 -4.80
N LEU A 96 -13.36 -18.42 -4.63
CA LEU A 96 -12.13 -18.90 -5.25
C LEU A 96 -11.23 -19.54 -4.21
N LEU A 97 -10.63 -20.67 -4.56
CA LEU A 97 -9.75 -21.41 -3.67
C LEU A 97 -8.31 -21.35 -4.16
N ILE A 98 -7.42 -20.93 -3.26
CA ILE A 98 -5.99 -20.86 -3.54
C ILE A 98 -5.22 -21.78 -2.59
N PRO A 99 -4.47 -22.73 -3.16
CA PRO A 99 -3.75 -23.73 -2.36
C PRO A 99 -2.56 -23.12 -1.61
N VAL A 100 -2.42 -23.48 -0.35
CA VAL A 100 -1.25 -23.08 0.43
C VAL A 100 -0.22 -24.20 0.35
N ILE A 101 1.05 -23.85 0.24
CA ILE A 101 2.10 -24.85 0.09
C ILE A 101 2.42 -25.42 1.47
N GLY A 102 2.33 -26.74 1.57
CA GLY A 102 2.43 -27.45 2.84
C GLY A 102 3.74 -27.28 3.56
N PRO A 103 3.87 -27.96 4.71
CA PRO A 103 5.04 -27.90 5.59
C PRO A 103 6.37 -28.03 4.86
N ARG A 104 7.16 -26.96 4.85
CA ARG A 104 8.49 -27.03 4.27
C ARG A 104 9.47 -27.53 5.32
N LYS A 105 9.66 -28.83 5.35
CA LYS A 105 10.55 -29.47 6.31
C LYS A 105 11.99 -29.39 5.79
N ASN A 106 12.21 -28.50 4.83
CA ASN A 106 13.51 -28.35 4.20
C ASN A 106 14.30 -27.19 4.80
N ILE A 107 13.62 -26.07 5.03
CA ILE A 107 14.23 -24.85 5.54
C ILE A 107 15.08 -25.10 6.79
N LYS A 108 16.37 -24.78 6.69
CA LYS A 108 17.25 -24.93 7.84
C LYS A 108 17.47 -23.58 8.50
N LYS A 109 17.53 -23.57 9.83
CA LYS A 109 17.49 -22.34 10.61
C LYS A 109 18.80 -21.55 10.57
N GLN A 110 18.70 -20.26 10.92
CA GLN A 110 19.84 -19.35 10.92
C GLN A 110 20.29 -19.07 12.35
N GLN A 111 21.38 -18.31 12.49
CA GLN A 111 21.91 -18.01 13.82
C GLN A 111 21.22 -16.81 14.47
N CYS A 112 20.95 -15.78 13.68
CA CYS A 112 20.20 -14.62 14.18
C CYS A 112 18.72 -14.95 14.27
N GLU A 113 18.13 -14.68 15.44
CA GLU A 113 16.76 -15.09 15.69
C GLU A 113 15.85 -13.94 16.12
N ALA A 114 14.56 -14.08 15.85
CA ALA A 114 13.55 -13.15 16.35
C ALA A 114 12.31 -13.90 16.84
N ILE A 115 11.83 -13.53 18.02
CA ILE A 115 10.66 -14.17 18.60
C ILE A 115 9.43 -13.27 18.60
N VAL A 116 8.30 -13.82 18.15
CA VAL A 116 7.05 -13.07 18.06
C VAL A 116 5.95 -13.68 18.93
N GLY A 117 4.89 -12.92 19.16
CA GLY A 117 3.75 -13.37 19.93
C GLY A 117 2.91 -14.43 19.22
N ALA A 118 1.96 -15.01 19.95
CA ALA A 118 1.10 -16.05 19.41
C ALA A 118 0.20 -15.52 18.29
N GLN A 119 -0.40 -14.35 18.52
CA GLN A 119 -1.29 -13.75 17.53
C GLN A 119 -0.50 -13.30 16.31
N CYS A 120 0.68 -12.75 16.55
CA CYS A 120 1.59 -12.38 15.47
C CYS A 120 1.97 -13.62 14.67
N GLY A 121 2.16 -14.73 15.37
CA GLY A 121 2.45 -16.01 14.74
C GLY A 121 1.31 -16.47 13.84
N ASN A 122 0.09 -16.34 14.34
CA ASN A 122 -1.10 -16.63 13.56
C ASN A 122 -1.15 -15.78 12.30
N ALA A 123 -0.84 -14.50 12.46
CA ALA A 123 -0.78 -13.57 11.34
C ALA A 123 0.24 -14.02 10.29
N VAL A 124 1.41 -14.43 10.75
CA VAL A 124 2.46 -14.93 9.87
C VAL A 124 1.98 -16.17 9.11
N LEU A 125 1.34 -17.09 9.83
CA LEU A 125 0.82 -18.30 9.24
C LEU A 125 -0.33 -18.02 8.26
N ARG A 126 -0.96 -16.86 8.42
CA ARG A 126 -2.03 -16.43 7.52
C ARG A 126 -1.49 -15.77 6.27
N GLY A 127 -0.20 -15.45 6.27
CA GLY A 127 0.44 -14.86 5.11
C GLY A 127 0.87 -13.41 5.29
N ALA A 128 0.76 -12.91 6.51
CA ALA A 128 1.21 -11.55 6.81
C ALA A 128 2.69 -11.54 7.16
N HIS A 129 3.29 -10.36 7.12
CA HIS A 129 4.69 -10.20 7.50
C HIS A 129 4.81 -9.72 8.94
N VAL A 130 6.03 -9.76 9.47
CA VAL A 130 6.26 -9.36 10.85
C VAL A 130 6.55 -7.86 10.96
N TYR A 131 5.82 -7.20 11.85
CA TYR A 131 6.03 -5.78 12.10
C TYR A 131 6.66 -5.59 13.47
N ALA A 132 7.43 -4.50 13.62
CA ALA A 132 8.20 -4.22 14.83
C ALA A 132 7.44 -4.34 16.16
N PRO A 133 6.19 -3.86 16.22
CA PRO A 133 5.48 -4.00 17.50
C PRO A 133 5.22 -5.46 17.91
N GLY A 134 5.26 -6.38 16.95
CA GLY A 134 5.00 -7.78 17.22
C GLY A 134 6.20 -8.56 17.70
N ILE A 135 7.38 -7.95 17.62
CA ILE A 135 8.62 -8.62 18.01
C ILE A 135 8.90 -8.41 19.50
N VAL A 136 9.09 -9.50 20.23
CA VAL A 136 9.35 -9.41 21.66
C VAL A 136 10.80 -9.73 22.01
N SER A 137 11.50 -10.37 21.07
CA SER A 137 12.91 -10.71 21.27
C SER A 137 13.66 -10.79 19.95
N ALA A 138 14.92 -10.36 19.96
CA ALA A 138 15.75 -10.41 18.77
C ALA A 138 17.22 -10.58 19.12
N SER A 139 17.95 -11.28 18.26
CA SER A 139 19.38 -11.50 18.45
C SER A 139 20.18 -10.20 18.39
N GLN A 140 21.22 -10.10 19.22
CA GLN A 140 22.12 -8.96 19.17
C GLN A 140 22.90 -8.99 17.84
N PHE A 141 23.42 -7.84 17.44
CA PHE A 141 24.15 -7.68 16.18
C PHE A 141 23.27 -7.94 14.95
N MET A 142 21.96 -8.00 15.16
CA MET A 142 21.03 -8.13 14.04
C MET A 142 21.04 -6.83 13.26
N LYS A 143 21.35 -6.92 11.97
CA LYS A 143 21.40 -5.73 11.12
C LYS A 143 20.28 -5.80 10.08
N ALA A 144 20.01 -4.68 9.43
CA ALA A 144 19.02 -4.66 8.36
C ALA A 144 19.55 -5.45 7.17
N GLY A 145 18.76 -6.41 6.69
CA GLY A 145 19.17 -7.24 5.58
C GLY A 145 19.62 -8.61 6.03
N ASP A 146 19.72 -8.80 7.35
CA ASP A 146 20.13 -10.09 7.91
C ASP A 146 19.07 -11.16 7.66
N VAL A 147 19.53 -12.35 7.28
CA VAL A 147 18.64 -13.50 7.13
C VAL A 147 18.43 -14.13 8.50
N ILE A 148 17.21 -14.00 9.02
CA ILE A 148 16.91 -14.41 10.38
C ILE A 148 15.77 -15.42 10.45
N SER A 149 15.76 -16.21 11.52
CA SER A 149 14.71 -17.19 11.76
C SER A 149 13.70 -16.67 12.77
N VAL A 150 12.42 -16.80 12.45
CA VAL A 150 11.35 -16.29 13.29
C VAL A 150 10.65 -17.41 14.06
N TYR A 151 10.61 -17.27 15.38
CA TYR A 151 9.93 -18.24 16.24
C TYR A 151 8.71 -17.62 16.92
N SER A 152 7.73 -18.45 17.24
CA SER A 152 6.54 -17.99 17.93
C SER A 152 6.54 -18.41 19.39
N ASP A 153 6.33 -17.46 20.28
CA ASP A 153 6.24 -17.74 21.71
C ASP A 153 4.80 -18.09 22.08
N ILE A 154 4.43 -19.36 21.86
CA ILE A 154 3.05 -19.79 22.00
C ILE A 154 2.59 -19.82 23.46
N LYS A 155 3.54 -19.88 24.39
CA LYS A 155 3.22 -19.92 25.81
C LYS A 155 3.24 -18.52 26.43
N GLY A 156 3.69 -17.54 25.64
CA GLY A 156 3.75 -16.17 26.10
C GLY A 156 4.66 -16.00 27.30
N LYS A 157 5.87 -16.54 27.21
CA LYS A 157 6.81 -16.50 28.32
C LYS A 157 8.09 -15.75 27.95
N CYS A 158 7.98 -14.78 27.05
CA CYS A 158 9.13 -13.97 26.67
C CYS A 158 8.98 -12.51 27.05
N LYS A 159 9.99 -11.98 27.75
CA LYS A 159 10.01 -10.58 28.13
C LYS A 159 10.89 -9.78 27.17
N THR A 168 9.03 -24.49 23.43
CA THR A 168 8.74 -23.10 23.79
C THR A 168 8.76 -22.20 22.55
N LYS A 169 9.64 -22.52 21.61
CA LYS A 169 9.77 -21.74 20.39
C LYS A 169 9.39 -22.54 19.15
N VAL A 170 8.32 -22.13 18.49
CA VAL A 170 7.86 -22.79 17.28
C VAL A 170 8.38 -22.09 16.02
N PHE A 171 9.18 -22.80 15.24
CA PHE A 171 9.82 -22.22 14.06
C PHE A 171 8.82 -21.94 12.95
N LEU A 172 8.67 -20.66 12.61
CA LEU A 172 7.70 -20.25 11.59
C LEU A 172 8.33 -20.08 10.21
N GLY A 173 9.65 -19.88 10.18
CA GLY A 173 10.35 -19.76 8.91
C GLY A 173 11.45 -18.72 8.93
N ASN A 174 12.03 -18.45 7.75
CA ASN A 174 13.11 -17.48 7.61
C ASN A 174 12.67 -16.23 6.86
N GLY A 175 13.31 -15.11 7.14
CA GLY A 175 13.04 -13.88 6.43
C GLY A 175 14.20 -12.92 6.48
N ILE A 176 14.06 -11.77 5.83
CA ILE A 176 15.10 -10.74 5.90
C ILE A 176 14.65 -9.63 6.83
N SER A 177 15.60 -9.07 7.58
CA SER A 177 15.27 -8.00 8.51
C SER A 177 15.24 -6.65 7.81
N GLU A 178 14.21 -5.86 8.11
CA GLU A 178 14.13 -4.51 7.59
C GLU A 178 14.69 -3.55 8.63
N LEU A 179 14.82 -4.04 9.85
CA LEU A 179 15.29 -3.23 10.96
C LEU A 179 16.39 -3.96 11.73
N SER A 180 17.12 -3.21 12.55
CA SER A 180 18.11 -3.78 13.45
C SER A 180 17.48 -3.93 14.83
N ARG A 181 18.09 -4.75 15.69
CA ARG A 181 17.58 -4.97 17.04
C ARG A 181 17.36 -3.62 17.74
N LYS A 182 18.33 -2.73 17.59
CA LYS A 182 18.24 -1.37 18.12
C LYS A 182 17.03 -0.64 17.58
N GLU A 183 16.84 -0.74 16.27
CA GLU A 183 15.70 -0.12 15.59
C GLU A 183 14.37 -0.76 15.97
N ILE A 184 14.37 -2.08 16.18
CA ILE A 184 13.16 -2.80 16.57
C ILE A 184 12.62 -2.31 17.92
N PHE A 185 13.50 -2.27 18.92
CA PHE A 185 13.15 -1.83 20.27
C PHE A 185 13.35 -0.32 20.43
N SER A 186 13.19 0.39 19.32
CA SER A 186 13.26 1.85 19.30
C SER A 186 11.89 2.45 19.63
N GLY A 187 11.89 3.72 20.04
CA GLY A 187 10.69 4.39 20.51
C GLY A 187 9.65 4.81 19.48
N LEU A 188 8.95 3.81 18.94
CA LEU A 188 7.85 4.01 18.00
C LEU A 188 8.16 4.99 16.87
N LEU A 191 8.41 3.54 12.62
CA LEU A 191 9.04 2.30 12.19
C LEU A 191 8.09 1.13 12.39
N LYS A 192 6.84 1.43 12.69
CA LYS A 192 5.83 0.42 12.98
C LYS A 192 5.37 -0.30 11.71
N GLY A 193 5.65 0.28 10.55
CA GLY A 193 5.22 -0.29 9.29
C GLY A 193 6.22 -1.28 8.71
N MET A 194 7.34 -1.46 9.39
CA MET A 194 8.36 -2.39 8.94
C MET A 194 8.76 -3.37 10.05
N GLY A 195 9.56 -4.36 9.69
CA GLY A 195 10.02 -5.36 10.63
C GLY A 195 10.77 -6.49 9.96
N ILE A 196 10.06 -7.59 9.70
CA ILE A 196 10.68 -8.77 9.08
C ILE A 196 9.88 -9.25 7.88
N ARG A 197 10.47 -9.13 6.68
CA ARG A 197 9.84 -9.66 5.49
C ARG A 197 10.05 -11.17 5.41
N MET A 198 8.95 -11.92 5.50
CA MET A 198 9.03 -13.37 5.45
C MET A 198 9.26 -13.83 4.02
N THR A 199 10.48 -14.23 3.72
CA THR A 199 10.86 -14.61 2.37
C THR A 199 10.84 -16.12 2.18
N GLU A 200 11.00 -16.86 3.28
CA GLU A 200 10.98 -18.31 3.23
C GLU A 200 10.22 -18.89 4.41
N PRO A 201 8.88 -18.76 4.39
CA PRO A 201 8.06 -19.27 5.50
C PRO A 201 7.79 -20.77 5.36
N VAL A 202 7.39 -21.41 6.44
CA VAL A 202 7.06 -22.84 6.37
C VAL A 202 5.82 -23.04 5.50
N TYR A 203 4.84 -22.17 5.67
CA TYR A 203 3.64 -22.19 4.84
C TYR A 203 3.61 -20.97 3.93
N LEU A 204 3.61 -21.20 2.62
CA LEU A 204 3.65 -20.09 1.66
C LEU A 204 2.26 -19.62 1.27
N SER A 205 1.59 -18.93 2.19
CA SER A 205 0.29 -18.33 1.89
C SER A 205 0.45 -16.88 1.43
N PRO A 206 -0.26 -16.49 0.37
CA PRO A 206 -0.17 -15.15 -0.21
C PRO A 206 -0.96 -14.10 0.57
N SER A 207 -0.69 -12.83 0.30
CA SER A 207 -1.35 -11.73 1.00
C SER A 207 -2.36 -10.99 0.12
N PHE A 208 -3.61 -10.91 0.59
CA PHE A 208 -4.66 -10.18 -0.11
C PHE A 208 -5.11 -8.97 0.70
N ASP A 209 -4.18 -8.09 1.09
CA ASP A 209 -4.54 -6.94 1.92
C ASP A 209 -4.64 -5.63 1.13
N SER A 210 -4.21 -5.66 -0.13
CA SER A 210 -4.30 -4.49 -0.99
C SER A 210 -4.54 -4.93 -2.42
N VAL A 211 -4.98 -6.16 -2.58
CA VAL A 211 -5.27 -6.74 -3.89
C VAL A 211 -6.74 -6.66 -4.25
N LEU A 212 -7.07 -5.75 -5.18
CA LEU A 212 -8.44 -5.57 -5.66
C LEU A 212 -9.45 -5.37 -4.52
N PRO A 213 -9.37 -4.21 -3.85
CA PRO A 213 -10.20 -3.93 -2.66
C PRO A 213 -11.70 -3.97 -2.92
N ARG A 214 -12.13 -3.71 -4.15
CA ARG A 214 -13.55 -3.65 -4.48
C ARG A 214 -14.08 -4.95 -5.08
N TYR A 215 -13.17 -5.85 -5.45
CA TYR A 215 -13.58 -7.08 -6.13
C TYR A 215 -13.52 -8.29 -5.20
N LEU A 216 -12.81 -8.16 -4.09
CA LEU A 216 -12.55 -9.31 -3.23
C LEU A 216 -12.97 -9.11 -1.77
N PHE A 217 -13.21 -10.22 -1.09
CA PHE A 217 -13.34 -10.22 0.35
C PHE A 217 -12.75 -11.49 0.95
N LEU A 218 -11.75 -11.33 1.81
CA LEU A 218 -11.14 -12.44 2.51
C LEU A 218 -12.15 -13.11 3.44
N GLN A 219 -12.60 -14.29 3.06
CA GLN A 219 -13.62 -15.00 3.82
C GLN A 219 -13.46 -16.51 3.66
N ASN A 220 -13.33 -17.21 4.79
CA ASN A 220 -13.15 -18.65 4.75
C ASN A 220 -14.40 -19.36 4.23
N LEU A 221 -14.24 -20.62 3.82
CA LEU A 221 -15.27 -21.35 3.11
C LEU A 221 -16.62 -21.48 3.86
N PRO A 222 -16.60 -21.86 5.15
CA PRO A 222 -17.90 -22.01 5.80
C PRO A 222 -18.64 -20.69 5.98
N SER A 223 -17.92 -19.60 6.24
CA SER A 223 -18.53 -18.29 6.38
C SER A 223 -19.22 -17.87 5.08
N ALA A 224 -18.61 -18.22 3.96
CA ALA A 224 -19.21 -17.96 2.65
C ALA A 224 -20.39 -18.89 2.42
N LEU A 225 -20.31 -20.09 3.01
CA LEU A 225 -21.38 -21.08 2.89
C LEU A 225 -22.64 -20.63 3.62
N VAL A 226 -22.45 -19.89 4.72
CA VAL A 226 -23.55 -19.39 5.55
C VAL A 226 -24.61 -18.66 4.73
N SER A 227 -24.19 -17.67 3.95
CA SER A 227 -25.11 -16.85 3.18
C SER A 227 -25.81 -17.66 2.08
N HIS A 228 -25.08 -18.60 1.49
CA HIS A 228 -25.67 -19.49 0.49
C HIS A 228 -26.75 -20.37 1.10
N VAL A 229 -26.52 -20.84 2.32
CA VAL A 229 -27.49 -21.63 3.05
C VAL A 229 -28.73 -20.78 3.39
N LEU A 230 -28.48 -19.55 3.82
CA LEU A 230 -29.55 -18.59 4.08
C LEU A 230 -30.40 -18.39 2.83
N ASN A 231 -29.74 -18.39 1.67
CA ASN A 231 -30.39 -18.26 0.38
C ASN A 231 -31.30 -17.04 0.24
N PRO A 232 -30.73 -15.84 0.40
CA PRO A 232 -31.56 -14.63 0.29
C PRO A 232 -31.98 -14.35 -1.16
N GLN A 233 -33.19 -13.83 -1.34
CA GLN A 233 -33.70 -13.53 -2.67
C GLN A 233 -33.91 -12.03 -2.85
N PRO A 234 -33.79 -11.54 -4.10
CA PRO A 234 -34.03 -10.12 -4.40
C PRO A 234 -35.44 -9.68 -4.01
N GLY A 235 -35.55 -8.52 -3.38
CA GLY A 235 -36.84 -7.99 -2.97
C GLY A 235 -37.22 -8.35 -1.54
N GLU A 236 -36.46 -9.25 -0.93
CA GLU A 236 -36.73 -9.68 0.43
C GLU A 236 -36.13 -8.76 1.48
N LYS A 237 -36.61 -8.89 2.71
CA LYS A 237 -36.05 -8.15 3.84
C LYS A 237 -35.21 -9.08 4.70
N ILE A 238 -33.95 -8.72 4.87
CA ILE A 238 -32.99 -9.56 5.59
C ILE A 238 -32.42 -8.84 6.81
N LEU A 239 -32.29 -9.56 7.92
CA LEU A 239 -31.70 -8.98 9.12
C LEU A 239 -30.42 -9.71 9.53
N ASP A 240 -29.33 -8.98 9.67
CA ASP A 240 -28.10 -9.53 10.18
C ASP A 240 -27.88 -9.01 11.60
N LEU A 241 -28.19 -9.85 12.59
CA LEU A 241 -28.21 -9.43 13.99
C LEU A 241 -26.84 -9.03 14.53
N CYS A 242 -25.81 -9.80 14.18
CA CYS A 242 -24.45 -9.51 14.58
C CYS A 242 -23.56 -9.50 13.35
N ALA A 243 -23.49 -8.35 12.70
CA ALA A 243 -23.00 -8.28 11.32
C ALA A 243 -21.53 -7.93 11.17
N ALA A 244 -20.84 -7.66 12.28
CA ALA A 244 -19.43 -7.27 12.17
C ALA A 244 -18.59 -8.47 11.74
N PRO A 245 -17.60 -8.25 10.85
CA PRO A 245 -17.26 -6.95 10.24
C PRO A 245 -18.03 -6.63 8.96
N GLY A 246 -18.96 -7.48 8.56
CA GLY A 246 -19.79 -7.18 7.40
C GLY A 246 -19.59 -8.07 6.18
N GLY A 247 -18.86 -9.15 6.33
CA GLY A 247 -18.63 -10.06 5.22
C GLY A 247 -19.91 -10.75 4.76
N LYS A 248 -20.61 -11.35 5.72
CA LYS A 248 -21.85 -12.05 5.43
C LYS A 248 -22.95 -11.08 5.02
N THR A 249 -22.89 -9.86 5.54
CA THR A 249 -23.85 -8.82 5.16
C THR A 249 -23.71 -8.46 3.69
N THR A 250 -22.50 -8.09 3.29
CA THR A 250 -22.21 -7.73 1.92
C THR A 250 -22.45 -8.90 0.98
N HIS A 251 -22.19 -10.11 1.47
CA HIS A 251 -22.46 -11.31 0.69
C HIS A 251 -23.96 -11.46 0.46
N ILE A 252 -24.75 -11.25 1.52
CA ILE A 252 -26.20 -11.31 1.43
C ILE A 252 -26.72 -10.31 0.41
N ALA A 253 -26.23 -9.07 0.50
CA ALA A 253 -26.61 -8.02 -0.44
C ALA A 253 -26.24 -8.40 -1.88
N ALA A 254 -25.06 -9.02 -2.04
CA ALA A 254 -24.57 -9.39 -3.35
C ALA A 254 -25.39 -10.54 -3.96
N LEU A 255 -25.91 -11.42 -3.12
CA LEU A 255 -26.70 -12.54 -3.58
C LEU A 255 -28.06 -12.06 -4.06
N MET A 256 -28.49 -10.93 -3.52
CA MET A 256 -29.76 -10.32 -3.90
C MET A 256 -29.57 -9.30 -5.02
N HIS A 257 -28.38 -9.28 -5.59
CA HIS A 257 -28.00 -8.30 -6.62
C HIS A 257 -28.23 -6.88 -6.13
N ASP A 258 -28.00 -6.67 -4.84
CA ASP A 258 -28.20 -5.37 -4.19
C ASP A 258 -29.63 -4.87 -4.35
N GLN A 259 -30.57 -5.79 -4.57
CA GLN A 259 -31.98 -5.45 -4.69
C GLN A 259 -32.76 -6.01 -3.51
N GLY A 260 -33.28 -5.11 -2.67
CA GLY A 260 -33.96 -5.51 -1.46
C GLY A 260 -33.50 -4.66 -0.31
N GLU A 261 -33.49 -5.23 0.90
CA GLU A 261 -33.04 -4.50 2.07
C GLU A 261 -32.36 -5.43 3.06
N VAL A 262 -31.10 -5.13 3.37
CA VAL A 262 -30.34 -5.89 4.36
C VAL A 262 -30.01 -5.00 5.55
N ILE A 263 -30.64 -5.28 6.68
CA ILE A 263 -30.38 -4.55 7.90
C ILE A 263 -29.24 -5.21 8.68
N ALA A 264 -28.17 -4.46 8.90
CA ALA A 264 -27.02 -4.98 9.64
C ALA A 264 -26.98 -4.32 11.01
N LEU A 265 -26.83 -5.14 12.05
CA LEU A 265 -26.82 -4.63 13.42
C LEU A 265 -25.54 -4.99 14.15
N ASP A 266 -24.98 -4.05 14.89
CA ASP A 266 -23.86 -4.37 15.77
C ASP A 266 -23.83 -3.43 16.98
N LYS A 267 -23.30 -3.93 18.09
CA LYS A 267 -23.32 -3.18 19.35
C LYS A 267 -22.19 -2.17 19.42
N ILE A 268 -21.08 -2.44 18.74
CA ILE A 268 -19.91 -1.57 18.79
C ILE A 268 -19.87 -0.61 17.60
N PHE A 269 -19.78 0.67 17.92
CA PHE A 269 -19.79 1.77 16.96
C PHE A 269 -18.76 1.63 15.84
N ASN A 270 -17.50 1.42 16.25
CA ASN A 270 -16.40 1.28 15.31
C ASN A 270 -16.61 0.15 14.31
N LYS A 271 -17.13 -0.98 14.81
CA LYS A 271 -17.43 -2.13 13.97
C LYS A 271 -18.52 -1.80 12.97
N VAL A 272 -19.49 -1.01 13.39
CA VAL A 272 -20.56 -0.56 12.50
C VAL A 272 -19.99 0.31 11.39
N GLU A 273 -19.08 1.21 11.76
CA GLU A 273 -18.42 2.04 10.77
C GLU A 273 -17.61 1.17 9.81
N LYS A 274 -17.08 0.07 10.31
CA LYS A 274 -16.37 -0.88 9.47
C LYS A 274 -17.32 -1.55 8.48
N ILE A 275 -18.53 -1.88 8.96
CA ILE A 275 -19.56 -2.47 8.11
C ILE A 275 -19.94 -1.51 6.98
N LYS A 276 -20.13 -0.24 7.33
CA LYS A 276 -20.44 0.78 6.32
C LYS A 276 -19.30 0.93 5.32
N GLN A 277 -18.06 0.86 5.81
CA GLN A 277 -16.89 0.95 4.96
C GLN A 277 -16.82 -0.20 3.96
N ASN A 278 -17.05 -1.42 4.44
CA ASN A 278 -17.02 -2.59 3.58
C ASN A 278 -18.16 -2.57 2.56
N ALA A 279 -19.33 -2.14 3.00
CA ALA A 279 -20.48 -2.04 2.12
C ALA A 279 -20.23 -1.00 1.03
N LEU A 280 -19.48 0.05 1.38
CA LEU A 280 -19.15 1.10 0.44
C LEU A 280 -18.06 0.67 -0.56
N LEU A 281 -17.09 -0.08 -0.08
CA LEU A 281 -16.02 -0.59 -0.94
C LEU A 281 -16.53 -1.51 -2.03
N LEU A 282 -17.50 -2.35 -1.66
CA LEU A 282 -18.04 -3.35 -2.58
C LEU A 282 -19.23 -2.83 -3.37
N GLY A 283 -19.58 -1.56 -3.14
CA GLY A 283 -20.58 -0.89 -3.93
C GLY A 283 -22.04 -1.22 -3.68
N LEU A 284 -22.35 -1.83 -2.53
CA LEU A 284 -23.73 -2.14 -2.21
C LEU A 284 -24.45 -0.92 -1.64
N ASN A 285 -25.77 -0.86 -1.85
CA ASN A 285 -26.56 0.28 -1.42
C ASN A 285 -27.81 -0.13 -0.65
N SER A 286 -28.15 -1.41 -0.71
CA SER A 286 -29.36 -1.90 -0.06
C SER A 286 -29.12 -2.24 1.40
N ILE A 287 -27.95 -1.88 1.90
CA ILE A 287 -27.57 -2.19 3.28
C ILE A 287 -27.80 -1.00 4.22
N ARG A 288 -28.47 -1.25 5.34
CA ARG A 288 -28.60 -0.25 6.38
C ARG A 288 -27.98 -0.75 7.69
N ALA A 289 -26.86 -0.14 8.06
CA ALA A 289 -26.13 -0.56 9.24
C ALA A 289 -26.48 0.30 10.45
N PHE A 290 -26.54 -0.33 11.62
CA PHE A 290 -26.90 0.36 12.85
C PHE A 290 -26.04 -0.07 14.04
N CYS A 291 -25.66 0.91 14.84
CA CYS A 291 -25.03 0.67 16.13
C CYS A 291 -26.16 0.43 17.13
N PHE A 292 -26.56 -0.82 17.26
CA PHE A 292 -27.71 -1.17 18.08
C PHE A 292 -27.49 -2.53 18.73
N ASP A 293 -27.97 -2.69 19.95
CA ASP A 293 -27.85 -3.96 20.64
C ASP A 293 -28.90 -4.93 20.11
N GLY A 294 -28.43 -6.05 19.57
CA GLY A 294 -29.31 -7.02 18.93
C GLY A 294 -30.31 -7.65 19.87
N THR A 295 -30.02 -7.58 21.17
CA THR A 295 -30.90 -8.15 22.18
C THR A 295 -32.12 -7.26 22.42
N LYS A 296 -32.03 -6.01 22.00
CA LYS A 296 -33.11 -5.04 22.16
C LYS A 296 -33.79 -4.75 20.83
N ALA A 297 -33.61 -5.64 19.86
CA ALA A 297 -34.06 -5.38 18.49
C ALA A 297 -35.58 -5.40 18.34
N VAL A 298 -36.27 -6.10 19.23
CA VAL A 298 -37.73 -6.20 19.13
C VAL A 298 -38.41 -4.95 19.70
N LYS A 299 -39.36 -4.41 18.95
CA LYS A 299 -40.06 -3.20 19.35
C LYS A 299 -41.18 -3.51 20.32
N PRO A 310 -34.37 0.84 13.95
CA PRO A 310 -34.42 -0.05 15.12
C PRO A 310 -34.92 0.68 16.36
N PRO A 311 -35.69 -0.01 17.23
CA PRO A 311 -36.07 -1.43 17.12
C PRO A 311 -37.16 -1.67 16.08
N PHE A 312 -37.30 -2.92 15.66
CA PHE A 312 -38.24 -3.27 14.60
C PHE A 312 -39.43 -4.06 15.11
N LEU A 313 -40.55 -3.95 14.40
CA LEU A 313 -41.77 -4.68 14.77
C LEU A 313 -41.59 -6.18 14.57
N PRO A 314 -42.27 -6.99 15.41
CA PRO A 314 -42.22 -8.45 15.32
C PRO A 314 -42.63 -8.97 13.95
N GLU A 315 -41.97 -10.03 13.48
CA GLU A 315 -42.30 -10.67 12.22
C GLU A 315 -42.33 -9.67 11.06
N SER A 316 -41.22 -8.97 10.85
CA SER A 316 -41.13 -7.97 9.80
C SER A 316 -40.00 -8.27 8.82
N PHE A 317 -39.25 -9.33 9.09
CA PHE A 317 -38.14 -9.71 8.23
C PHE A 317 -38.37 -11.05 7.53
N ASP A 318 -38.09 -11.09 6.24
CA ASP A 318 -38.24 -12.30 5.46
C ASP A 318 -37.23 -13.35 5.88
N ARG A 319 -35.98 -12.94 6.06
CA ARG A 319 -34.94 -13.87 6.49
C ARG A 319 -34.02 -13.24 7.54
N ILE A 320 -33.57 -14.06 8.48
CA ILE A 320 -32.71 -13.57 9.55
C ILE A 320 -31.48 -14.45 9.76
N LEU A 321 -30.32 -13.81 9.78
CA LEU A 321 -29.05 -14.48 10.05
C LEU A 321 -28.51 -14.11 11.43
N LEU A 322 -28.30 -15.13 12.25
CA LEU A 322 -27.61 -14.98 13.52
C LEU A 322 -26.22 -15.60 13.43
N ASP A 323 -25.27 -14.82 12.91
CA ASP A 323 -23.87 -15.18 12.97
C ASP A 323 -23.39 -14.84 14.37
N ALA A 324 -23.76 -15.70 15.32
CA ALA A 324 -23.65 -15.39 16.74
C ALA A 324 -22.21 -15.25 17.23
N PRO A 325 -21.99 -14.36 18.20
CA PRO A 325 -20.71 -14.25 18.91
C PRO A 325 -20.43 -15.53 19.68
N CYS A 326 -19.24 -16.10 19.49
CA CYS A 326 -18.91 -17.38 20.11
C CYS A 326 -17.50 -17.39 20.67
N SER A 327 -17.10 -18.54 21.22
CA SER A 327 -15.76 -18.71 21.77
C SER A 327 -14.70 -18.70 20.67
N GLY A 328 -15.14 -18.95 19.44
CA GLY A 328 -14.25 -18.89 18.28
C GLY A 328 -13.15 -19.93 18.31
N MET A 329 -13.37 -21.02 19.04
CA MET A 329 -12.36 -22.05 19.21
C MET A 329 -12.28 -23.00 18.01
N GLY A 330 -12.61 -22.48 16.83
CA GLY A 330 -12.52 -23.26 15.61
C GLY A 330 -11.71 -22.54 14.55
N GLN A 331 -11.20 -21.36 14.91
CA GLN A 331 -10.41 -20.56 13.97
C GLN A 331 -9.06 -21.18 13.66
N ARG A 332 -8.66 -21.12 12.40
CA ARG A 332 -7.38 -21.64 11.96
C ARG A 332 -6.68 -20.64 11.03
N PRO A 333 -5.37 -20.44 11.22
CA PRO A 333 -4.56 -21.09 12.27
C PRO A 333 -4.67 -20.38 13.61
N ASN A 334 -4.41 -21.11 14.69
CA ASN A 334 -4.45 -20.55 16.03
C ASN A 334 -3.53 -21.34 16.95
N MET A 335 -2.41 -20.74 17.32
CA MET A 335 -1.37 -21.44 18.06
C MET A 335 -1.60 -21.42 19.57
N ALA A 336 -2.35 -20.44 20.06
CA ALA A 336 -2.57 -20.30 21.49
C ALA A 336 -3.85 -19.56 21.82
N CYS A 337 -4.36 -19.78 23.04
CA CYS A 337 -5.54 -19.07 23.53
C CYS A 337 -5.43 -18.80 25.02
N THR A 338 -5.06 -17.56 25.36
CA THR A 338 -4.89 -17.16 26.77
C THR A 338 -6.20 -16.67 27.37
N TRP A 339 -7.21 -17.54 27.36
CA TRP A 339 -8.54 -17.18 27.84
C TRP A 339 -8.92 -17.92 29.11
N SER A 340 -9.77 -17.30 29.93
CA SER A 340 -10.31 -17.97 31.11
C SER A 340 -11.44 -18.92 30.71
N VAL A 341 -11.82 -19.81 31.62
CA VAL A 341 -12.90 -20.75 31.35
C VAL A 341 -14.25 -20.05 31.30
N LYS A 342 -14.46 -19.12 32.23
CA LYS A 342 -15.71 -18.37 32.27
C LYS A 342 -15.93 -17.57 31.00
N GLU A 343 -14.84 -17.02 30.45
CA GLU A 343 -14.91 -16.30 29.20
C GLU A 343 -15.45 -17.20 28.09
N VAL A 344 -14.89 -18.40 27.99
CA VAL A 344 -15.33 -19.39 27.01
C VAL A 344 -16.78 -19.83 27.21
N ALA A 345 -17.18 -19.96 28.48
CA ALA A 345 -18.49 -20.54 28.82
C ALA A 345 -19.60 -19.52 29.01
N SER A 346 -19.31 -18.25 28.76
CA SER A 346 -20.27 -17.17 29.00
C SER A 346 -21.08 -16.75 27.77
N TYR A 347 -20.97 -17.51 26.68
CA TYR A 347 -21.59 -17.12 25.42
C TYR A 347 -23.05 -17.58 25.27
N GLN A 348 -23.38 -18.71 25.89
CA GLN A 348 -24.69 -19.32 25.76
C GLN A 348 -25.88 -18.40 26.09
N PRO A 349 -25.87 -17.67 27.22
CA PRO A 349 -27.03 -16.82 27.51
C PRO A 349 -27.25 -15.72 26.47
N LEU A 350 -26.16 -15.05 26.08
CA LEU A 350 -26.21 -14.00 25.06
C LEU A 350 -26.75 -14.56 23.75
N GLN A 351 -26.21 -15.72 23.36
CA GLN A 351 -26.66 -16.40 22.14
C GLN A 351 -28.16 -16.70 22.18
N ARG A 352 -28.65 -17.10 23.35
CA ARG A 352 -30.07 -17.44 23.49
C ARG A 352 -30.96 -16.19 23.46
N LYS A 353 -30.46 -15.08 24.00
CA LYS A 353 -31.19 -13.82 23.94
C LYS A 353 -31.32 -13.35 22.49
N LEU A 354 -30.18 -13.29 21.80
CA LEU A 354 -30.15 -12.89 20.39
C LEU A 354 -31.03 -13.82 19.55
N PHE A 355 -31.01 -15.11 19.89
CA PHE A 355 -31.82 -16.10 19.18
C PHE A 355 -33.30 -15.82 19.38
N THR A 356 -33.69 -15.53 20.61
CA THR A 356 -35.08 -15.21 20.91
C THR A 356 -35.54 -13.99 20.13
N ALA A 357 -34.72 -12.95 20.14
CA ALA A 357 -35.00 -11.74 19.36
C ALA A 357 -35.19 -12.08 17.88
N ALA A 358 -34.30 -12.92 17.35
CA ALA A 358 -34.36 -13.36 15.97
C ALA A 358 -35.69 -14.05 15.65
N VAL A 359 -36.07 -15.02 16.47
CA VAL A 359 -37.32 -15.74 16.29
C VAL A 359 -38.52 -14.78 16.34
N GLN A 360 -38.47 -13.82 17.26
CA GLN A 360 -39.56 -12.86 17.39
C GLN A 360 -39.67 -11.94 16.18
N LEU A 361 -38.55 -11.63 15.55
CA LEU A 361 -38.55 -10.73 14.40
C LEU A 361 -38.79 -11.45 13.08
N LEU A 362 -38.81 -12.78 13.11
CA LEU A 362 -38.94 -13.57 11.88
C LEU A 362 -40.39 -13.70 11.43
N LYS A 363 -40.63 -13.45 10.15
CA LYS A 363 -41.95 -13.59 9.55
C LYS A 363 -42.40 -15.05 9.47
N PRO A 364 -43.72 -15.30 9.50
CA PRO A 364 -44.24 -16.65 9.29
C PRO A 364 -43.68 -17.23 7.99
N GLU A 365 -43.29 -18.50 7.99
CA GLU A 365 -42.67 -19.15 6.82
C GLU A 365 -41.37 -18.46 6.42
N GLY A 366 -40.74 -17.77 7.38
CA GLY A 366 -39.45 -17.15 7.15
C GLY A 366 -38.33 -18.12 7.46
N VAL A 367 -37.09 -17.70 7.22
CA VAL A 367 -35.95 -18.58 7.45
C VAL A 367 -34.95 -17.96 8.44
N LEU A 368 -34.56 -18.73 9.44
CA LEU A 368 -33.55 -18.29 10.40
C LEU A 368 -32.32 -19.17 10.31
N VAL A 369 -31.15 -18.56 10.19
CA VAL A 369 -29.90 -19.33 10.15
C VAL A 369 -29.01 -19.01 11.36
N TYR A 370 -28.65 -20.04 12.11
CA TYR A 370 -27.78 -19.86 13.27
C TYR A 370 -26.38 -20.40 12.98
N SER A 371 -25.37 -19.55 13.09
CA SER A 371 -24.01 -19.99 12.77
C SER A 371 -22.96 -19.55 13.80
N THR A 372 -22.00 -20.42 14.05
CA THR A 372 -20.86 -20.10 14.90
C THR A 372 -19.55 -20.57 14.28
N CYS A 373 -18.44 -20.01 14.72
CA CYS A 373 -17.12 -20.48 14.28
C CYS A 373 -16.38 -21.14 15.44
N THR A 374 -17.15 -21.76 16.34
CA THR A 374 -16.59 -22.47 17.48
C THR A 374 -16.95 -23.95 17.39
N ILE A 375 -16.40 -24.76 18.29
CA ILE A 375 -16.53 -26.20 18.19
C ILE A 375 -17.24 -26.83 19.39
N THR A 376 -17.62 -26.00 20.37
CA THR A 376 -18.20 -26.51 21.61
C THR A 376 -19.63 -27.02 21.41
N LEU A 377 -20.04 -27.97 22.24
CA LEU A 377 -21.41 -28.49 22.24
C LEU A 377 -22.39 -27.43 22.70
N ALA A 378 -22.03 -26.71 23.75
CA ALA A 378 -22.92 -25.76 24.41
C ALA A 378 -23.36 -24.62 23.49
N GLU A 379 -22.51 -24.28 22.52
CA GLU A 379 -22.78 -23.14 21.64
C GLU A 379 -23.31 -23.56 20.27
N ASN A 380 -23.48 -24.88 20.07
CA ASN A 380 -23.93 -25.39 18.78
C ASN A 380 -25.15 -26.31 18.89
N GLU A 381 -24.90 -27.60 19.14
CA GLU A 381 -25.95 -28.60 19.14
C GLU A 381 -26.94 -28.40 20.29
N GLU A 382 -26.42 -28.05 21.46
CA GLU A 382 -27.24 -27.80 22.63
C GLU A 382 -28.17 -26.60 22.41
N GLN A 383 -27.70 -25.64 21.62
CA GLN A 383 -28.50 -24.47 21.29
C GLN A 383 -29.61 -24.83 20.31
N VAL A 384 -29.34 -25.80 19.44
CA VAL A 384 -30.34 -26.28 18.49
C VAL A 384 -31.43 -27.04 19.24
N ALA A 385 -31.01 -27.88 20.18
CA ALA A 385 -31.96 -28.60 21.03
C ALA A 385 -32.82 -27.63 21.83
N TRP A 386 -32.15 -26.65 22.44
CA TRP A 386 -32.83 -25.60 23.21
C TRP A 386 -33.84 -24.85 22.37
N ALA A 387 -33.46 -24.54 21.13
CA ALA A 387 -34.31 -23.78 20.22
C ALA A 387 -35.53 -24.60 19.79
N LEU A 388 -35.31 -25.87 19.48
CA LEU A 388 -36.39 -26.75 19.05
C LEU A 388 -37.32 -27.09 20.21
N THR A 389 -36.83 -26.96 21.43
CA THR A 389 -37.65 -27.21 22.61
C THR A 389 -38.48 -25.98 22.99
N LYS A 390 -37.82 -24.83 23.06
CA LYS A 390 -38.48 -23.60 23.49
C LYS A 390 -39.38 -22.96 22.42
N PHE A 391 -39.08 -23.25 21.15
CA PHE A 391 -39.86 -22.66 20.07
C PHE A 391 -40.50 -23.72 19.19
N PRO A 392 -41.76 -24.09 19.50
CA PRO A 392 -42.53 -25.06 18.73
C PRO A 392 -42.84 -24.57 17.32
N CYS A 393 -42.79 -23.26 17.12
CA CYS A 393 -43.08 -22.67 15.81
C CYS A 393 -41.93 -22.88 14.84
N LEU A 394 -40.78 -23.32 15.36
CA LEU A 394 -39.61 -23.53 14.52
C LEU A 394 -39.49 -25.00 14.11
N GLN A 395 -39.04 -25.21 12.87
CA GLN A 395 -38.80 -26.55 12.36
C GLN A 395 -37.43 -26.60 11.68
N LEU A 396 -36.63 -27.61 12.03
CA LEU A 396 -35.31 -27.77 11.46
C LEU A 396 -35.41 -28.16 9.98
N GLN A 397 -34.57 -27.55 9.15
CA GLN A 397 -34.62 -27.79 7.71
C GLN A 397 -33.28 -28.28 7.17
N PRO A 398 -33.32 -29.08 6.09
CA PRO A 398 -32.10 -29.51 5.41
C PRO A 398 -31.41 -28.33 4.73
N GLN A 399 -30.11 -28.46 4.44
CA GLN A 399 -29.34 -27.35 3.90
C GLN A 399 -28.71 -27.66 2.54
N GLU A 400 -28.65 -26.65 1.69
CA GLU A 400 -27.97 -26.75 0.41
C GLU A 400 -27.10 -25.54 0.13
N PRO A 401 -25.85 -25.77 -0.29
CA PRO A 401 -25.27 -27.11 -0.48
C PRO A 401 -24.74 -27.70 0.82
N GLN A 402 -24.58 -29.02 0.88
CA GLN A 402 -23.96 -29.64 2.05
C GLN A 402 -22.48 -29.86 1.76
N ILE A 403 -21.64 -29.26 2.60
CA ILE A 403 -20.20 -29.34 2.41
C ILE A 403 -19.51 -29.97 3.61
N GLY A 404 -20.03 -29.71 4.80
CA GLY A 404 -19.43 -30.21 6.02
C GLY A 404 -20.16 -31.39 6.58
N GLY A 405 -19.54 -32.06 7.54
CA GLY A 405 -20.13 -33.24 8.17
C GLY A 405 -21.39 -32.96 8.95
N GLU A 406 -21.93 -34.00 9.58
CA GLU A 406 -23.17 -33.87 10.34
C GLU A 406 -22.88 -33.32 11.73
N GLY A 407 -23.95 -33.00 12.46
CA GLY A 407 -23.82 -32.49 13.81
C GLY A 407 -23.17 -33.48 14.75
N MET A 408 -22.53 -32.96 15.79
CA MET A 408 -21.84 -33.79 16.77
C MET A 408 -22.81 -34.33 17.82
N ARG A 409 -22.65 -35.59 18.18
CA ARG A 409 -23.50 -36.21 19.20
C ARG A 409 -23.18 -35.66 20.58
N GLY A 410 -24.18 -35.63 21.46
CA GLY A 410 -23.96 -35.18 22.82
C GLY A 410 -25.04 -34.30 23.40
N ALA A 411 -25.86 -33.70 22.54
CA ALA A 411 -26.91 -32.79 23.00
C ALA A 411 -28.30 -33.40 22.98
N GLY A 412 -28.38 -34.70 22.69
CA GLY A 412 -29.66 -35.38 22.67
C GLY A 412 -30.48 -35.05 21.44
N LEU A 413 -29.91 -35.33 20.27
CA LEU A 413 -30.57 -35.07 19.00
C LEU A 413 -30.62 -36.34 18.18
N SER A 414 -31.72 -36.55 17.46
CA SER A 414 -31.87 -37.73 16.63
C SER A 414 -30.89 -37.69 15.47
N CYS A 415 -30.72 -38.82 14.79
CA CYS A 415 -29.80 -38.92 13.68
C CYS A 415 -30.25 -38.02 12.52
N GLU A 416 -31.56 -37.91 12.32
CA GLU A 416 -32.11 -37.09 11.26
C GLU A 416 -31.82 -35.62 11.52
N GLN A 417 -31.96 -35.20 12.77
CA GLN A 417 -31.67 -33.83 13.17
C GLN A 417 -30.19 -33.52 13.03
N LEU A 418 -29.35 -34.52 13.31
CA LEU A 418 -27.90 -34.35 13.23
C LEU A 418 -27.45 -34.27 11.77
N LYS A 419 -28.16 -34.98 10.89
CA LYS A 419 -27.82 -34.99 9.48
C LYS A 419 -28.33 -33.74 8.75
N GLN A 420 -29.14 -32.94 9.44
CA GLN A 420 -29.65 -31.70 8.85
C GLN A 420 -28.80 -30.49 9.25
N LEU A 421 -27.88 -30.70 10.20
CA LEU A 421 -26.97 -29.65 10.61
C LEU A 421 -25.67 -29.75 9.84
N GLN A 422 -24.90 -28.67 9.79
CA GLN A 422 -23.59 -28.72 9.17
C GLN A 422 -22.48 -28.35 10.14
N ARG A 423 -21.65 -29.34 10.47
CA ARG A 423 -20.51 -29.10 11.36
C ARG A 423 -19.19 -29.43 10.65
N PHE A 424 -18.27 -28.48 10.67
CA PHE A 424 -16.97 -28.66 10.04
C PHE A 424 -15.93 -29.12 11.05
N ASP A 425 -15.34 -30.29 10.79
CA ASP A 425 -14.34 -30.86 11.67
C ASP A 425 -12.93 -30.59 11.17
N PRO A 426 -12.16 -29.80 11.94
CA PRO A 426 -10.78 -29.46 11.58
C PRO A 426 -9.89 -30.68 11.43
N SER A 427 -10.20 -31.74 12.19
CA SER A 427 -9.44 -32.97 12.09
C SER A 427 -10.31 -34.09 11.56
N ALA A 428 -10.55 -34.07 10.25
CA ALA A 428 -11.35 -35.10 9.59
C ALA A 428 -10.47 -35.86 8.62
N VAL A 429 -9.46 -35.18 8.11
CA VAL A 429 -8.44 -35.78 7.26
C VAL A 429 -7.08 -35.47 7.87
N PRO A 430 -6.07 -36.30 7.60
CA PRO A 430 -4.72 -35.99 8.10
C PRO A 430 -4.18 -34.70 7.48
N LEU A 431 -3.22 -34.07 8.14
CA LEU A 431 -2.70 -32.78 7.67
C LEU A 431 -1.92 -32.95 6.38
N PRO A 432 -2.28 -32.16 5.36
CA PRO A 432 -1.70 -32.24 4.01
C PRO A 432 -0.23 -31.85 3.97
N ASP A 433 0.37 -32.03 2.79
CA ASP A 433 1.77 -31.66 2.56
C ASP A 433 1.98 -31.28 1.10
N THR A 434 2.57 -30.11 0.87
CA THR A 434 2.82 -29.64 -0.49
C THR A 434 4.16 -28.92 -0.58
N ALA A 442 -2.05 -30.95 -8.51
CA ALA A 442 -3.05 -31.97 -8.17
C ALA A 442 -4.29 -31.81 -9.04
N ARG A 443 -5.17 -32.80 -8.97
CA ARG A 443 -6.42 -32.78 -9.74
C ARG A 443 -7.43 -31.84 -9.12
N ARG A 444 -8.50 -31.56 -9.85
CA ARG A 444 -9.55 -30.64 -9.40
C ARG A 444 -10.26 -31.14 -8.13
N GLU A 445 -10.81 -32.34 -8.22
CA GLU A 445 -11.52 -32.93 -7.08
C GLU A 445 -10.58 -33.19 -5.91
N ASP A 446 -9.31 -33.45 -6.22
CA ASP A 446 -8.30 -33.69 -5.19
C ASP A 446 -8.07 -32.43 -4.37
N MET A 447 -8.29 -31.28 -4.97
CA MET A 447 -8.14 -29.99 -4.28
C MET A 447 -9.45 -29.61 -3.60
N LEU A 448 -10.56 -29.90 -4.26
CA LEU A 448 -11.87 -29.56 -3.72
C LEU A 448 -12.13 -30.34 -2.43
N ARG A 449 -11.66 -31.57 -2.39
CA ARG A 449 -11.75 -32.41 -1.20
C ARG A 449 -11.04 -31.78 -0.01
N LEU A 450 -9.82 -31.31 -0.25
CA LEU A 450 -9.02 -30.66 0.78
C LEU A 450 -9.70 -29.37 1.25
N ALA A 451 -10.16 -28.56 0.30
CA ALA A 451 -10.81 -27.30 0.61
C ALA A 451 -12.08 -27.52 1.42
N ASN A 452 -12.77 -28.62 1.15
CA ASN A 452 -14.03 -28.93 1.84
C ASN A 452 -13.85 -29.53 3.24
N LYS A 453 -12.90 -30.45 3.38
CA LYS A 453 -12.74 -31.16 4.65
C LYS A 453 -11.69 -30.53 5.57
N ASP A 454 -10.50 -30.30 5.05
CA ASP A 454 -9.43 -29.66 5.83
C ASP A 454 -9.74 -28.18 6.02
N SER A 455 -10.61 -27.87 6.97
CA SER A 455 -11.04 -26.49 7.19
C SER A 455 -11.04 -26.08 8.66
N ILE A 456 -11.68 -24.95 8.93
CA ILE A 456 -11.81 -24.43 10.29
C ILE A 456 -13.02 -25.04 10.97
N GLY A 457 -13.09 -24.90 12.30
CA GLY A 457 -14.25 -25.36 13.05
C GLY A 457 -15.41 -24.41 12.85
N PHE A 458 -16.53 -24.94 12.38
CA PHE A 458 -17.69 -24.10 12.08
C PHE A 458 -18.99 -24.87 12.25
N PHE A 459 -20.08 -24.15 12.53
CA PHE A 459 -21.37 -24.77 12.74
C PHE A 459 -22.49 -23.95 12.13
N ILE A 460 -23.35 -24.63 11.35
CA ILE A 460 -24.48 -23.99 10.70
C ILE A 460 -25.77 -24.79 10.92
N ALA A 461 -26.82 -24.09 11.32
CA ALA A 461 -28.14 -24.70 11.54
C ALA A 461 -29.23 -23.87 10.88
N LYS A 462 -30.19 -24.53 10.24
CA LYS A 462 -31.25 -23.85 9.51
C LYS A 462 -32.64 -24.15 10.07
N PHE A 463 -33.44 -23.10 10.25
CA PHE A 463 -34.79 -23.22 10.77
C PHE A 463 -35.80 -22.51 9.88
N VAL A 464 -37.02 -23.03 9.83
CA VAL A 464 -38.12 -22.32 9.20
C VAL A 464 -39.22 -22.10 10.25
N LYS A 465 -39.91 -20.96 10.16
CA LYS A 465 -40.97 -20.65 11.12
C LYS A 465 -42.33 -21.05 10.55
N CYS A 466 -43.07 -21.87 11.30
CA CYS A 466 -44.31 -22.43 10.77
C CYS A 466 -45.52 -21.54 11.05
N LYS A 467 -45.68 -21.13 12.30
CA LYS A 467 -46.80 -20.28 12.67
C LYS A 467 -46.33 -18.91 13.17
N SER A 468 -47.27 -18.12 13.70
CA SER A 468 -46.94 -16.79 14.18
C SER A 468 -46.88 -16.75 15.70
N THR A 469 -46.50 -15.60 16.24
CA THR A 469 -46.37 -15.44 17.68
C THR A 469 -46.49 -13.98 18.09
N SER B 2 7.11 13.82 -30.00
CA SER B 2 6.51 15.12 -29.72
C SER B 2 5.00 15.09 -29.90
N ILE B 3 4.33 14.42 -28.97
CA ILE B 3 2.88 14.23 -29.04
C ILE B 3 2.13 15.30 -28.24
N PHE B 4 2.74 15.77 -27.17
CA PHE B 4 2.11 16.73 -26.29
C PHE B 4 2.42 18.16 -26.73
N PRO B 5 1.47 19.08 -26.50
CA PRO B 5 1.67 20.51 -26.79
C PRO B 5 2.77 21.10 -25.92
N LYS B 6 3.15 22.34 -26.19
CA LYS B 6 4.12 23.05 -25.37
C LYS B 6 3.58 23.21 -23.95
N ILE B 7 4.48 23.44 -23.00
CA ILE B 7 4.08 23.64 -21.61
C ILE B 7 3.15 24.85 -21.51
N SER B 8 2.07 24.69 -20.75
CA SER B 8 1.07 25.75 -20.66
C SER B 8 1.48 26.80 -19.64
N LEU B 9 1.81 27.98 -20.13
CA LEU B 9 2.21 29.08 -19.25
C LEU B 9 1.31 30.28 -19.44
N ARG B 10 1.26 31.15 -18.44
CA ARG B 10 0.54 32.41 -18.57
C ARG B 10 1.34 33.32 -19.50
N PRO B 11 0.66 33.96 -20.47
CA PRO B 11 1.28 34.75 -21.54
C PRO B 11 2.38 35.69 -21.04
N GLU B 12 2.09 36.39 -19.94
CA GLU B 12 3.07 37.26 -19.30
C GLU B 12 4.36 36.50 -18.96
N VAL B 13 4.20 35.35 -18.31
CA VAL B 13 5.34 34.52 -17.92
C VAL B 13 6.12 34.02 -19.12
N GLU B 14 5.41 33.57 -20.16
CA GLU B 14 6.05 33.07 -21.37
C GLU B 14 6.85 34.17 -22.05
N ASN B 15 6.30 35.39 -22.06
CA ASN B 15 7.02 36.54 -22.60
C ASN B 15 8.24 36.90 -21.77
N TYR B 16 8.11 36.73 -20.45
CA TYR B 16 9.22 36.96 -19.53
C TYR B 16 10.38 36.01 -19.84
N LEU B 17 10.06 34.73 -19.87
CA LEU B 17 11.03 33.68 -20.18
C LEU B 17 11.65 33.89 -21.55
N LYS B 18 10.85 34.26 -22.53
CA LYS B 18 11.36 34.50 -23.88
C LYS B 18 12.34 35.67 -23.88
N GLU B 19 11.95 36.75 -23.20
CA GLU B 19 12.84 37.90 -23.01
C GLU B 19 14.16 37.46 -22.38
N GLY B 20 14.10 36.55 -21.43
CA GLY B 20 15.29 36.04 -20.78
C GLY B 20 16.14 35.18 -21.70
N PHE B 21 15.49 34.48 -22.62
CA PHE B 21 16.20 33.57 -23.53
C PHE B 21 16.49 34.19 -24.89
N MET B 22 16.23 35.49 -25.03
CA MET B 22 16.47 36.18 -26.29
C MET B 22 17.33 37.42 -26.10
N ASN B 23 18.23 37.37 -25.12
CA ASN B 23 19.16 38.46 -24.88
C ASN B 23 20.12 38.63 -26.04
N LYS B 24 20.68 39.83 -26.19
CA LYS B 24 21.57 40.16 -27.30
C LYS B 24 22.79 39.24 -27.34
N GLU B 25 23.21 38.76 -26.17
CA GLU B 25 24.37 37.89 -26.08
C GLU B 25 24.12 36.57 -26.80
N ILE B 26 22.94 35.98 -26.60
CA ILE B 26 22.58 34.73 -27.26
C ILE B 26 22.27 34.94 -28.75
N VAL B 27 21.52 36.00 -29.05
CA VAL B 27 21.16 36.32 -30.42
C VAL B 27 22.40 36.59 -31.28
N THR B 28 23.44 37.14 -30.64
CA THR B 28 24.71 37.35 -31.32
C THR B 28 25.36 36.02 -31.68
N ALA B 29 25.20 35.03 -30.81
CA ALA B 29 25.86 33.74 -30.97
C ALA B 29 25.10 32.78 -31.89
N LEU B 30 23.79 32.99 -32.03
CA LEU B 30 22.98 32.02 -32.79
C LEU B 30 22.06 32.65 -33.82
N GLY B 31 21.70 33.92 -33.64
CA GLY B 31 20.72 34.55 -34.50
C GLY B 31 19.34 34.51 -33.86
N LYS B 32 18.45 35.37 -34.32
CA LYS B 32 17.12 35.49 -33.73
C LYS B 32 16.28 34.25 -34.01
N GLN B 33 16.39 33.73 -35.22
CA GLN B 33 15.64 32.55 -35.64
C GLN B 33 16.00 31.32 -34.80
N GLU B 34 17.29 31.11 -34.60
CA GLU B 34 17.78 29.96 -33.86
C GLU B 34 17.48 30.07 -32.37
N ALA B 35 17.54 31.31 -31.85
CA ALA B 35 17.17 31.57 -30.47
C ALA B 35 15.69 31.25 -30.24
N GLU B 36 14.85 31.72 -31.15
CA GLU B 36 13.42 31.46 -31.09
C GLU B 36 13.13 29.97 -31.17
N ARG B 37 13.79 29.29 -32.10
CA ARG B 37 13.57 27.85 -32.28
C ARG B 37 14.01 27.07 -31.05
N LYS B 38 15.13 27.48 -30.45
CA LYS B 38 15.66 26.78 -29.30
C LYS B 38 14.76 26.99 -28.08
N PHE B 39 14.24 28.20 -27.95
CA PHE B 39 13.32 28.52 -26.87
C PHE B 39 12.01 27.76 -27.00
N GLU B 40 11.45 27.75 -28.20
CA GLU B 40 10.18 27.06 -28.44
C GLU B 40 10.31 25.55 -28.26
N THR B 41 11.40 24.98 -28.76
CA THR B 41 11.65 23.56 -28.55
C THR B 41 11.88 23.26 -27.07
N LEU B 42 12.50 24.21 -26.37
CA LEU B 42 12.68 24.09 -24.93
C LEU B 42 11.32 24.01 -24.23
N LEU B 43 10.40 24.88 -24.61
CA LEU B 43 9.05 24.84 -24.07
C LEU B 43 8.32 23.56 -24.50
N LYS B 44 8.77 22.97 -25.61
CA LYS B 44 8.11 21.79 -26.16
C LYS B 44 8.57 20.52 -25.46
N HIS B 45 9.76 20.55 -24.88
CA HIS B 45 10.32 19.37 -24.21
C HIS B 45 9.97 19.28 -22.73
N LEU B 46 9.48 20.38 -22.16
CA LEU B 46 9.14 20.40 -20.74
C LEU B 46 7.87 19.60 -20.45
N SER B 47 7.02 19.46 -21.46
CA SER B 47 5.76 18.73 -21.31
C SER B 47 5.99 17.22 -21.29
N HIS B 48 7.10 16.79 -21.87
CA HIS B 48 7.39 15.36 -21.99
C HIS B 48 8.32 14.88 -20.89
N PRO B 49 8.09 13.65 -20.39
CA PRO B 49 8.95 13.04 -19.37
C PRO B 49 10.34 12.73 -19.90
N PRO B 50 11.35 12.76 -19.02
CA PRO B 50 12.71 12.35 -19.39
C PRO B 50 12.72 10.89 -19.86
N SER B 51 13.65 10.56 -20.75
CA SER B 51 13.73 9.20 -21.29
C SER B 51 14.12 8.19 -20.22
N PHE B 52 14.68 8.69 -19.11
CA PHE B 52 15.09 7.84 -18.01
C PHE B 52 14.63 8.38 -16.67
N THR B 53 14.00 7.52 -15.87
CA THR B 53 13.75 7.82 -14.47
C THR B 53 14.91 7.26 -13.66
N THR B 54 15.45 8.07 -12.76
CA THR B 54 16.65 7.67 -12.03
C THR B 54 16.37 7.54 -10.55
N VAL B 55 17.05 6.58 -9.91
CA VAL B 55 16.92 6.38 -8.48
C VAL B 55 18.30 6.33 -7.84
N ARG B 56 18.42 6.82 -6.62
CA ARG B 56 19.69 6.76 -5.92
C ARG B 56 19.71 5.61 -4.92
N VAL B 57 20.72 4.76 -5.05
CA VAL B 57 20.90 3.64 -4.15
C VAL B 57 21.49 4.09 -2.82
N ASN B 58 20.85 3.70 -1.72
CA ASN B 58 21.38 3.98 -0.40
C ASN B 58 22.59 3.09 -0.12
N THR B 59 23.76 3.56 -0.53
CA THR B 59 24.99 2.77 -0.42
C THR B 59 25.41 2.53 1.03
N HIS B 60 24.74 3.22 1.96
CA HIS B 60 25.03 3.06 3.38
C HIS B 60 24.50 1.73 3.92
N LEU B 61 23.48 1.19 3.26
CA LEU B 61 22.84 -0.03 3.74
C LEU B 61 22.92 -1.18 2.75
N ALA B 62 23.05 -0.86 1.46
CA ALA B 62 23.05 -1.89 0.42
C ALA B 62 23.96 -1.54 -0.75
N SER B 63 24.43 -2.57 -1.44
CA SER B 63 25.26 -2.40 -2.62
C SER B 63 24.41 -2.08 -3.84
N VAL B 64 25.03 -1.47 -4.85
CA VAL B 64 24.32 -1.06 -6.05
C VAL B 64 23.81 -2.25 -6.86
N GLN B 65 24.62 -3.31 -6.92
CA GLN B 65 24.27 -4.51 -7.67
C GLN B 65 23.03 -5.21 -7.11
N HIS B 66 23.01 -5.40 -5.80
CA HIS B 66 21.89 -6.03 -5.10
C HIS B 66 20.57 -5.30 -5.37
N VAL B 67 20.59 -4.00 -5.14
CA VAL B 67 19.42 -3.15 -5.36
C VAL B 67 19.02 -3.19 -6.83
N LYS B 68 20.01 -3.26 -7.71
CA LYS B 68 19.76 -3.37 -9.14
C LYS B 68 18.98 -4.65 -9.46
N ASN B 69 19.39 -5.77 -8.85
CA ASN B 69 18.71 -7.04 -9.03
C ASN B 69 17.26 -6.98 -8.52
N LEU B 70 17.11 -6.44 -7.31
CA LEU B 70 15.78 -6.30 -6.70
C LEU B 70 14.86 -5.46 -7.59
N LEU B 71 15.42 -4.41 -8.17
CA LEU B 71 14.67 -3.52 -9.05
C LEU B 71 14.34 -4.22 -10.36
N LEU B 72 15.23 -5.10 -10.82
CA LEU B 72 14.93 -5.93 -11.99
C LEU B 72 13.71 -6.79 -11.71
N ASP B 73 13.69 -7.41 -10.54
CA ASP B 73 12.54 -8.20 -10.11
C ASP B 73 11.26 -7.36 -10.08
N GLU B 74 11.30 -6.23 -9.39
CA GLU B 74 10.14 -5.34 -9.28
C GLU B 74 9.63 -4.89 -10.65
N LEU B 75 10.56 -4.64 -11.56
CA LEU B 75 10.22 -4.19 -12.91
C LEU B 75 9.59 -5.30 -13.74
N GLN B 76 10.09 -6.53 -13.58
CA GLN B 76 9.51 -7.65 -14.31
C GLN B 76 8.18 -8.06 -13.68
N LYS B 77 7.93 -7.57 -12.47
CA LYS B 77 6.63 -7.77 -11.82
C LYS B 77 5.61 -6.74 -12.32
N GLN B 78 6.06 -5.49 -12.43
CA GLN B 78 5.18 -4.39 -12.81
C GLN B 78 4.69 -4.43 -14.25
N PHE B 79 5.51 -4.95 -15.16
CA PHE B 79 5.22 -4.85 -16.59
C PHE B 79 4.78 -6.15 -17.27
N ASN B 80 4.18 -7.06 -16.51
CA ASN B 80 3.67 -8.33 -17.04
C ASN B 80 4.67 -9.12 -17.89
N GLY B 81 5.84 -9.40 -17.33
CA GLY B 81 6.82 -10.24 -18.01
C GLY B 81 7.67 -9.48 -19.00
N LEU B 82 7.52 -8.16 -19.04
CA LEU B 82 8.36 -7.31 -19.86
C LEU B 82 9.65 -6.96 -19.13
N SER B 83 10.77 -7.42 -19.67
CA SER B 83 12.06 -7.16 -19.05
C SER B 83 12.73 -5.94 -19.65
N VAL B 84 12.97 -4.94 -18.80
CA VAL B 84 13.63 -3.71 -19.22
C VAL B 84 15.00 -3.60 -18.56
N PRO B 85 15.97 -3.01 -19.27
CA PRO B 85 17.33 -2.91 -18.74
C PRO B 85 17.44 -1.87 -17.63
N ILE B 86 18.37 -2.07 -16.69
CA ILE B 86 18.70 -1.06 -15.71
C ILE B 86 20.17 -0.74 -15.84
N LEU B 87 20.52 0.55 -15.88
CA LEU B 87 21.91 0.92 -16.11
C LEU B 87 22.55 1.63 -14.92
N GLN B 88 23.70 1.12 -14.48
CA GLN B 88 24.48 1.81 -13.45
C GLN B 88 25.34 2.87 -14.10
N HIS B 89 25.16 4.12 -13.68
CA HIS B 89 25.88 5.25 -14.25
C HIS B 89 27.38 5.15 -13.98
N PRO B 90 28.20 5.28 -15.04
CA PRO B 90 29.66 5.18 -14.94
C PRO B 90 30.27 6.22 -14.00
N ASP B 91 29.77 7.45 -14.07
CA ASP B 91 30.30 8.53 -13.25
C ASP B 91 29.61 8.60 -11.89
N LEU B 92 28.30 8.38 -11.90
CA LEU B 92 27.54 8.35 -10.66
C LEU B 92 27.09 6.93 -10.36
N GLN B 93 28.00 6.13 -9.80
CA GLN B 93 27.78 4.70 -9.67
C GLN B 93 26.80 4.33 -8.54
N ASP B 94 26.32 5.33 -7.83
CA ASP B 94 25.28 5.11 -6.83
C ASP B 94 23.91 5.43 -7.41
N VAL B 95 23.89 5.77 -8.70
CA VAL B 95 22.67 6.14 -9.39
C VAL B 95 22.27 5.08 -10.42
N LEU B 96 21.02 4.64 -10.36
CA LEU B 96 20.49 3.69 -11.34
C LEU B 96 19.53 4.36 -12.29
N LEU B 97 19.66 4.02 -13.57
CA LEU B 97 18.85 4.60 -14.63
C LEU B 97 17.90 3.56 -15.20
N ILE B 98 16.61 3.90 -15.23
CA ILE B 98 15.57 3.04 -15.79
C ILE B 98 14.88 3.73 -16.96
N PRO B 99 14.94 3.12 -18.15
CA PRO B 99 14.34 3.70 -19.36
C PRO B 99 12.82 3.65 -19.34
N VAL B 100 12.18 4.76 -19.70
CA VAL B 100 10.73 4.79 -19.88
C VAL B 100 10.42 4.56 -21.35
N ILE B 101 9.36 3.81 -21.62
CA ILE B 101 9.01 3.47 -23.00
C ILE B 101 8.31 4.64 -23.68
N GLY B 102 8.85 5.05 -24.82
CA GLY B 102 8.43 6.26 -25.52
C GLY B 102 6.99 6.31 -25.98
N PRO B 103 6.61 7.40 -26.66
CA PRO B 103 5.26 7.70 -27.14
C PRO B 103 4.58 6.55 -27.87
N ARG B 104 3.52 6.01 -27.25
CA ARG B 104 2.72 4.96 -27.85
C ARG B 104 1.60 5.53 -28.71
N LYS B 105 1.87 5.72 -29.99
CA LYS B 105 0.89 6.27 -30.93
C LYS B 105 -0.08 5.21 -31.45
N ASN B 106 -0.17 4.09 -30.73
CA ASN B 106 -0.98 2.95 -31.14
C ASN B 106 -2.35 2.94 -30.45
N ILE B 107 -2.34 3.25 -29.16
CA ILE B 107 -3.52 3.21 -28.30
C ILE B 107 -4.76 3.86 -28.91
N LYS B 108 -5.85 3.10 -28.99
CA LYS B 108 -7.10 3.61 -29.53
C LYS B 108 -8.02 4.07 -28.40
N LYS B 109 -8.64 5.23 -28.60
CA LYS B 109 -9.39 5.89 -27.55
C LYS B 109 -10.77 5.28 -27.36
N GLN B 110 -11.36 5.50 -26.19
CA GLN B 110 -12.68 4.97 -25.88
C GLN B 110 -13.71 6.08 -25.90
N GLN B 111 -14.98 5.72 -25.72
CA GLN B 111 -16.06 6.70 -25.71
C GLN B 111 -16.18 7.31 -24.33
N CYS B 112 -15.97 6.49 -23.31
CA CYS B 112 -15.98 6.96 -21.94
C CYS B 112 -14.71 7.75 -21.66
N GLU B 113 -14.88 8.95 -21.12
CA GLU B 113 -13.76 9.87 -20.92
C GLU B 113 -13.63 10.34 -19.48
N ALA B 114 -12.42 10.69 -19.10
CA ALA B 114 -12.17 11.35 -17.82
C ALA B 114 -11.17 12.48 -18.02
N ILE B 115 -11.48 13.64 -17.47
CA ILE B 115 -10.60 14.80 -17.58
C ILE B 115 -9.96 15.07 -16.23
N VAL B 116 -8.65 15.25 -16.22
CA VAL B 116 -7.93 15.49 -14.97
C VAL B 116 -7.21 16.83 -15.00
N GLY B 117 -6.77 17.29 -13.82
CA GLY B 117 -6.03 18.52 -13.72
C GLY B 117 -4.64 18.35 -14.30
N ALA B 118 -3.93 19.46 -14.46
CA ALA B 118 -2.58 19.43 -15.03
C ALA B 118 -1.59 18.68 -14.15
N GLN B 119 -1.64 18.96 -12.85
CA GLN B 119 -0.70 18.36 -11.90
C GLN B 119 -0.94 16.87 -11.76
N CYS B 120 -2.22 16.48 -11.76
CA CYS B 120 -2.59 15.07 -11.75
C CYS B 120 -2.04 14.39 -12.99
N GLY B 121 -2.08 15.11 -14.11
CA GLY B 121 -1.53 14.62 -15.36
C GLY B 121 -0.02 14.41 -15.26
N ASN B 122 0.67 15.35 -14.64
CA ASN B 122 2.10 15.22 -14.39
C ASN B 122 2.39 13.97 -13.55
N ALA B 123 1.56 13.76 -12.53
CA ALA B 123 1.66 12.58 -11.69
C ALA B 123 1.52 11.32 -12.52
N VAL B 124 0.54 11.32 -13.44
CA VAL B 124 0.33 10.20 -14.34
C VAL B 124 1.56 9.94 -15.21
N LEU B 125 2.14 11.01 -15.73
CA LEU B 125 3.33 10.89 -16.57
C LEU B 125 4.54 10.42 -15.77
N ARG B 126 4.49 10.59 -14.45
CA ARG B 126 5.56 10.10 -13.60
C ARG B 126 5.39 8.63 -13.25
N GLY B 127 4.21 8.09 -13.55
CA GLY B 127 3.93 6.68 -13.32
C GLY B 127 2.94 6.42 -12.22
N ALA B 128 2.33 7.50 -11.71
CA ALA B 128 1.32 7.38 -10.68
C ALA B 128 -0.06 7.17 -11.30
N HIS B 129 -1.01 6.74 -10.49
CA HIS B 129 -2.38 6.53 -10.97
C HIS B 129 -3.26 7.74 -10.68
N VAL B 130 -4.45 7.76 -11.27
CA VAL B 130 -5.37 8.87 -11.09
C VAL B 130 -6.26 8.65 -9.88
N TYR B 131 -6.33 9.65 -9.00
CA TYR B 131 -7.19 9.58 -7.83
C TYR B 131 -8.37 10.52 -7.97
N ALA B 132 -9.49 10.16 -7.34
CA ALA B 132 -10.75 10.88 -7.45
C ALA B 132 -10.69 12.41 -7.30
N PRO B 133 -9.89 12.93 -6.34
CA PRO B 133 -9.84 14.40 -6.24
C PRO B 133 -9.26 15.08 -7.47
N GLY B 134 -8.51 14.34 -8.29
CA GLY B 134 -7.89 14.90 -9.47
C GLY B 134 -8.79 14.93 -10.69
N ILE B 135 -9.94 14.28 -10.60
CA ILE B 135 -10.87 14.22 -11.73
C ILE B 135 -11.84 15.39 -11.71
N VAL B 136 -11.89 16.12 -12.82
CA VAL B 136 -12.77 17.29 -12.94
C VAL B 136 -13.95 17.01 -13.86
N SER B 137 -13.84 15.96 -14.67
CA SER B 137 -14.91 15.59 -15.58
C SER B 137 -14.89 14.09 -15.88
N ALA B 138 -16.08 13.51 -16.03
CA ALA B 138 -16.20 12.09 -16.33
C ALA B 138 -17.47 11.84 -17.13
N SER B 139 -17.41 10.84 -18.01
CA SER B 139 -18.57 10.47 -18.83
C SER B 139 -19.69 9.98 -17.93
N GLN B 140 -20.93 10.30 -18.29
CA GLN B 140 -22.08 9.81 -17.56
C GLN B 140 -22.18 8.29 -17.70
N PHE B 141 -22.86 7.66 -16.75
CA PHE B 141 -23.04 6.20 -16.72
C PHE B 141 -21.72 5.46 -16.56
N MET B 142 -20.66 6.16 -16.21
CA MET B 142 -19.37 5.52 -15.95
C MET B 142 -19.45 4.64 -14.71
N LYS B 143 -19.16 3.35 -14.87
CA LYS B 143 -19.20 2.41 -13.76
C LYS B 143 -17.81 1.90 -13.43
N ALA B 144 -17.66 1.25 -12.29
CA ALA B 144 -16.40 0.64 -11.91
C ALA B 144 -16.07 -0.55 -12.81
N GLY B 145 -14.87 -0.54 -13.38
CA GLY B 145 -14.45 -1.60 -14.29
C GLY B 145 -14.49 -1.17 -15.74
N ASP B 146 -15.04 0.02 -16.00
CA ASP B 146 -15.10 0.57 -17.34
C ASP B 146 -13.73 0.93 -17.88
N VAL B 147 -13.48 0.59 -19.14
CA VAL B 147 -12.25 1.00 -19.81
C VAL B 147 -12.40 2.41 -20.36
N ILE B 148 -11.67 3.35 -19.78
CA ILE B 148 -11.84 4.77 -20.09
C ILE B 148 -10.53 5.42 -20.54
N SER B 149 -10.66 6.50 -21.31
CA SER B 149 -9.52 7.28 -21.77
C SER B 149 -9.35 8.54 -20.93
N VAL B 150 -8.13 8.79 -20.49
CA VAL B 150 -7.85 9.92 -19.61
C VAL B 150 -7.18 11.07 -20.36
N TYR B 151 -7.77 12.25 -20.26
CA TYR B 151 -7.20 13.45 -20.88
C TYR B 151 -6.78 14.44 -19.80
N SER B 152 -5.79 15.27 -20.12
CA SER B 152 -5.32 16.29 -19.19
C SER B 152 -5.80 17.69 -19.59
N ASP B 153 -6.40 18.39 -18.64
CA ASP B 153 -6.84 19.76 -18.87
C ASP B 153 -5.70 20.71 -18.56
N ILE B 154 -4.82 20.91 -19.54
CA ILE B 154 -3.58 21.66 -19.35
C ILE B 154 -3.80 23.16 -19.14
N LYS B 155 -4.96 23.67 -19.56
CA LYS B 155 -5.25 25.09 -19.37
C LYS B 155 -6.05 25.31 -18.09
N GLY B 156 -6.51 24.22 -17.49
CA GLY B 156 -7.25 24.27 -16.24
C GLY B 156 -8.51 25.13 -16.28
N LYS B 157 -9.29 24.97 -17.33
CA LYS B 157 -10.51 25.76 -17.51
C LYS B 157 -11.76 24.88 -17.60
N CYS B 158 -11.73 23.77 -16.87
CA CYS B 158 -12.84 22.85 -16.80
C CYS B 158 -13.43 22.91 -15.40
N LYS B 159 -14.76 22.91 -15.32
CA LYS B 159 -15.43 23.01 -14.04
C LYS B 159 -15.72 21.62 -13.48
N LYS B 160 -15.28 21.41 -12.24
CA LYS B 160 -15.38 20.12 -11.59
C LYS B 160 -16.82 19.62 -11.51
N GLY B 161 -17.06 18.45 -12.10
CA GLY B 161 -18.39 17.86 -12.12
C GLY B 161 -19.02 17.90 -13.50
N ALA B 162 -18.31 18.49 -14.46
CA ALA B 162 -18.83 18.59 -15.82
C ALA B 162 -18.86 17.23 -16.51
N LYS B 163 -19.82 17.04 -17.40
CA LYS B 163 -19.91 15.80 -18.17
C LYS B 163 -19.18 15.95 -19.50
N GLU B 164 -19.29 17.13 -20.10
CA GLU B 164 -18.64 17.41 -21.37
C GLU B 164 -17.58 18.49 -21.22
N PHE B 165 -16.49 18.35 -21.98
CA PHE B 165 -15.46 19.38 -22.01
C PHE B 165 -15.11 19.75 -23.45
N ASP B 166 -15.20 21.03 -23.77
CA ASP B 166 -15.03 21.52 -25.13
C ASP B 166 -13.66 22.16 -25.35
N GLY B 167 -12.79 22.06 -24.36
CA GLY B 167 -11.49 22.70 -24.42
C GLY B 167 -10.38 21.78 -24.91
N THR B 168 -9.14 22.14 -24.56
CA THR B 168 -7.98 21.37 -24.98
C THR B 168 -7.77 20.14 -24.11
N LYS B 169 -7.85 18.97 -24.73
CA LYS B 169 -7.68 17.70 -24.02
C LYS B 169 -6.44 16.96 -24.50
N VAL B 170 -5.48 16.79 -23.61
CA VAL B 170 -4.26 16.06 -23.94
C VAL B 170 -4.36 14.60 -23.51
N PHE B 171 -4.34 13.70 -24.49
CA PHE B 171 -4.54 12.28 -24.26
C PHE B 171 -3.36 11.63 -23.54
N LEU B 172 -3.61 11.14 -22.33
CA LEU B 172 -2.56 10.55 -21.51
C LEU B 172 -2.52 9.02 -21.64
N GLY B 173 -3.64 8.43 -22.02
CA GLY B 173 -3.70 6.98 -22.19
C GLY B 173 -5.01 6.38 -21.71
N ASN B 174 -5.06 5.06 -21.67
CA ASN B 174 -6.26 4.35 -21.23
C ASN B 174 -6.05 3.66 -19.89
N GLY B 175 -7.14 3.48 -19.15
CA GLY B 175 -7.09 2.77 -17.89
C GLY B 175 -8.45 2.22 -17.51
N ILE B 176 -8.53 1.49 -16.41
CA ILE B 176 -9.82 1.01 -15.93
C ILE B 176 -10.27 1.83 -14.73
N SER B 177 -11.56 2.09 -14.64
CA SER B 177 -12.12 2.88 -13.56
C SER B 177 -12.36 2.03 -12.31
N GLU B 178 -11.98 2.56 -11.16
CA GLU B 178 -12.24 1.90 -9.88
C GLU B 178 -13.52 2.43 -9.26
N LEU B 179 -14.00 3.56 -9.78
CA LEU B 179 -15.18 4.21 -9.23
C LEU B 179 -16.21 4.53 -10.31
N SER B 180 -17.41 4.86 -9.88
CA SER B 180 -18.46 5.32 -10.78
C SER B 180 -18.46 6.84 -10.77
N ARG B 181 -19.05 7.46 -11.80
CA ARG B 181 -19.10 8.92 -11.90
C ARG B 181 -19.64 9.60 -10.64
N LYS B 182 -20.75 9.09 -10.13
CA LYS B 182 -21.36 9.64 -8.92
C LYS B 182 -20.39 9.54 -7.74
N GLU B 183 -19.73 8.39 -7.63
CA GLU B 183 -18.74 8.17 -6.58
C GLU B 183 -17.51 9.06 -6.73
N ILE B 184 -17.14 9.34 -7.98
CA ILE B 184 -15.99 10.20 -8.25
C ILE B 184 -16.18 11.60 -7.67
N PHE B 185 -17.30 12.22 -7.98
CA PHE B 185 -17.55 13.57 -7.50
C PHE B 185 -18.27 13.65 -6.15
N SER B 186 -18.19 12.59 -5.36
CA SER B 186 -18.77 12.66 -4.02
C SER B 186 -17.73 13.14 -3.02
N GLY B 187 -18.20 13.83 -1.97
CA GLY B 187 -17.32 14.29 -0.92
C GLY B 187 -17.14 13.15 0.05
N LEU B 188 -16.45 12.09 -0.37
CA LEU B 188 -16.29 10.91 0.46
C LEU B 188 -14.82 10.53 0.62
N PRO B 189 -14.26 10.82 1.80
CA PRO B 189 -12.84 10.61 2.13
C PRO B 189 -12.40 9.15 2.00
N GLU B 190 -13.35 8.23 2.07
CA GLU B 190 -13.04 6.81 2.06
C GLU B 190 -12.78 6.28 0.64
N LEU B 191 -12.95 7.15 -0.35
CA LEU B 191 -12.68 6.80 -1.75
C LEU B 191 -11.59 7.66 -2.38
N LYS B 192 -10.87 8.43 -1.57
CA LYS B 192 -9.83 9.32 -2.09
C LYS B 192 -8.59 8.54 -2.53
N GLY B 193 -8.49 7.30 -2.07
CA GLY B 193 -7.34 6.46 -2.38
C GLY B 193 -7.51 5.69 -3.67
N MET B 194 -8.66 5.86 -4.31
CA MET B 194 -8.95 5.16 -5.57
C MET B 194 -9.36 6.13 -6.66
N GLY B 195 -9.46 5.64 -7.89
CA GLY B 195 -9.85 6.45 -9.02
C GLY B 195 -9.71 5.74 -10.35
N ILE B 196 -8.60 6.01 -11.05
CA ILE B 196 -8.35 5.40 -12.36
C ILE B 196 -6.98 4.75 -12.41
N ARG B 197 -6.96 3.42 -12.51
CA ARG B 197 -5.72 2.69 -12.66
C ARG B 197 -5.24 2.75 -14.10
N MET B 198 -4.11 3.39 -14.34
CA MET B 198 -3.57 3.52 -15.69
C MET B 198 -2.93 2.21 -16.12
N THR B 199 -3.64 1.47 -16.99
CA THR B 199 -3.18 0.16 -17.43
C THR B 199 -2.49 0.24 -18.79
N GLU B 200 -2.82 1.28 -19.56
CA GLU B 200 -2.24 1.46 -20.87
C GLU B 200 -1.90 2.92 -21.12
N PRO B 201 -0.85 3.44 -20.46
CA PRO B 201 -0.47 4.84 -20.63
C PRO B 201 0.39 5.02 -21.87
N VAL B 202 0.50 6.26 -22.35
CA VAL B 202 1.34 6.54 -23.50
C VAL B 202 2.80 6.32 -23.13
N TYR B 203 3.17 6.75 -21.93
CA TYR B 203 4.52 6.54 -21.41
C TYR B 203 4.49 5.53 -20.27
N LEU B 204 5.22 4.44 -20.45
CA LEU B 204 5.24 3.38 -19.45
C LEU B 204 6.33 3.63 -18.42
N SER B 205 6.10 4.60 -17.55
CA SER B 205 7.00 4.86 -16.45
C SER B 205 6.55 4.08 -15.23
N PRO B 206 7.49 3.41 -14.56
CA PRO B 206 7.17 2.57 -13.40
C PRO B 206 6.95 3.39 -12.14
N SER B 207 6.38 2.77 -11.12
CA SER B 207 6.09 3.47 -9.88
C SER B 207 7.06 3.01 -8.79
N PHE B 208 7.75 3.97 -8.19
CA PHE B 208 8.66 3.66 -7.10
C PHE B 208 8.14 4.18 -5.76
N ASP B 209 6.90 3.80 -5.46
CA ASP B 209 6.27 4.17 -4.20
C ASP B 209 6.30 2.96 -3.30
N SER B 210 6.90 3.12 -2.11
CA SER B 210 7.03 2.04 -1.12
C SER B 210 7.91 0.91 -1.64
N VAL B 211 8.70 1.20 -2.68
CA VAL B 211 9.61 0.21 -3.24
C VAL B 211 11.00 0.38 -2.64
N LEU B 212 11.36 -0.53 -1.73
CA LEU B 212 12.65 -0.51 -1.04
C LEU B 212 12.94 0.86 -0.42
N PRO B 213 12.15 1.25 0.60
CA PRO B 213 12.25 2.58 1.21
C PRO B 213 13.62 2.87 1.83
N ARG B 214 14.33 1.82 2.24
CA ARG B 214 15.60 1.99 2.93
C ARG B 214 16.79 1.86 2.00
N TYR B 215 16.54 1.36 0.79
CA TYR B 215 17.62 1.14 -0.17
C TYR B 215 17.61 2.18 -1.29
N LEU B 216 16.49 2.87 -1.45
CA LEU B 216 16.30 3.76 -2.58
C LEU B 216 15.90 5.18 -2.18
N PHE B 217 16.18 6.13 -3.07
CA PHE B 217 15.60 7.47 -2.97
C PHE B 217 15.32 8.01 -4.37
N LEU B 218 14.06 8.35 -4.64
CA LEU B 218 13.69 8.93 -5.91
C LEU B 218 14.35 10.29 -6.08
N GLN B 219 15.34 10.35 -6.98
CA GLN B 219 16.12 11.56 -7.20
C GLN B 219 16.61 11.62 -8.64
N ASN B 220 16.29 12.71 -9.33
CA ASN B 220 16.71 12.87 -10.71
C ASN B 220 18.23 13.04 -10.81
N LEU B 221 18.77 12.84 -12.01
CA LEU B 221 20.21 12.76 -12.22
C LEU B 221 20.99 14.00 -11.77
N PRO B 222 20.53 15.22 -12.13
CA PRO B 222 21.34 16.38 -11.71
C PRO B 222 21.36 16.60 -10.20
N SER B 223 20.23 16.32 -9.54
CA SER B 223 20.14 16.46 -8.09
C SER B 223 21.13 15.51 -7.41
N ALA B 224 21.29 14.32 -7.99
CA ALA B 224 22.26 13.36 -7.49
C ALA B 224 23.68 13.83 -7.80
N LEU B 225 23.83 14.54 -8.91
CA LEU B 225 25.13 15.07 -9.32
C LEU B 225 25.60 16.16 -8.36
N VAL B 226 24.65 16.91 -7.82
CA VAL B 226 24.94 18.02 -6.90
C VAL B 226 25.89 17.65 -5.76
N SER B 227 25.56 16.58 -5.04
CA SER B 227 26.35 16.15 -3.88
C SER B 227 27.73 15.68 -4.29
N HIS B 228 27.82 15.01 -5.44
CA HIS B 228 29.11 14.57 -5.97
C HIS B 228 29.98 15.76 -6.32
N VAL B 229 29.36 16.81 -6.87
CA VAL B 229 30.09 18.04 -7.18
C VAL B 229 30.57 18.70 -5.90
N LEU B 230 29.72 18.71 -4.89
CA LEU B 230 30.10 19.22 -3.57
C LEU B 230 31.29 18.46 -3.01
N ASN B 231 31.32 17.16 -3.29
CA ASN B 231 32.42 16.28 -2.87
C ASN B 231 32.71 16.36 -1.37
N PRO B 232 31.72 16.00 -0.53
CA PRO B 232 31.95 16.09 0.91
C PRO B 232 32.93 15.01 1.39
N GLN B 233 33.73 15.35 2.39
CA GLN B 233 34.71 14.40 2.92
C GLN B 233 34.33 14.01 4.35
N PRO B 234 34.67 12.78 4.74
CA PRO B 234 34.41 12.29 6.11
C PRO B 234 35.08 13.15 7.18
N GLY B 235 34.34 13.46 8.23
CA GLY B 235 34.87 14.26 9.32
C GLY B 235 34.58 15.74 9.17
N GLU B 236 34.08 16.12 7.99
CA GLU B 236 33.77 17.52 7.71
C GLU B 236 32.39 17.92 8.23
N LYS B 237 32.17 19.22 8.33
CA LYS B 237 30.87 19.75 8.73
C LYS B 237 30.16 20.33 7.52
N ILE B 238 28.95 19.84 7.26
CA ILE B 238 28.20 20.23 6.07
C ILE B 238 26.89 20.90 6.46
N LEU B 239 26.55 21.98 5.78
CA LEU B 239 25.28 22.66 6.02
C LEU B 239 24.39 22.66 4.79
N ASP B 240 23.16 22.17 4.93
CA ASP B 240 22.18 22.25 3.86
C ASP B 240 21.10 23.26 4.24
N LEU B 241 21.19 24.45 3.67
CA LEU B 241 20.34 25.57 4.06
C LEU B 241 18.87 25.32 3.75
N CYS B 242 18.60 24.72 2.58
CA CYS B 242 17.24 24.37 2.19
C CYS B 242 17.21 22.90 1.80
N ALA B 243 17.02 22.04 2.80
CA ALA B 243 17.34 20.63 2.67
C ALA B 243 16.15 19.73 2.31
N ALA B 244 14.96 20.31 2.19
CA ALA B 244 13.77 19.51 1.90
C ALA B 244 13.82 18.98 0.46
N PRO B 245 13.40 17.72 0.27
CA PRO B 245 12.89 16.79 1.28
C PRO B 245 13.97 15.95 1.97
N GLY B 246 15.24 16.18 1.64
CA GLY B 246 16.33 15.49 2.30
C GLY B 246 17.11 14.51 1.44
N GLY B 247 16.88 14.55 0.13
CA GLY B 247 17.59 13.67 -0.78
C GLY B 247 19.07 13.99 -0.85
N LYS B 248 19.38 15.26 -1.08
CA LYS B 248 20.75 15.71 -1.17
C LYS B 248 21.41 15.65 0.20
N THR B 249 20.61 15.83 1.25
CA THR B 249 21.10 15.72 2.62
C THR B 249 21.59 14.30 2.92
N THR B 250 20.71 13.33 2.69
CA THR B 250 21.03 11.93 2.91
C THR B 250 22.15 11.47 1.99
N HIS B 251 22.20 12.02 0.77
CA HIS B 251 23.27 11.69 -0.16
C HIS B 251 24.61 12.19 0.37
N ILE B 252 24.64 13.44 0.85
CA ILE B 252 25.84 14.02 1.43
C ILE B 252 26.31 13.20 2.61
N ALA B 253 25.39 12.86 3.51
CA ALA B 253 25.72 12.03 4.67
C ALA B 253 26.28 10.68 4.24
N ALA B 254 25.69 10.12 3.17
CA ALA B 254 26.11 8.81 2.67
C ALA B 254 27.49 8.85 2.03
N LEU B 255 27.85 9.98 1.44
CA LEU B 255 29.14 10.13 0.76
C LEU B 255 30.30 10.20 1.76
N MET B 256 30.00 10.64 2.98
CA MET B 256 31.02 10.69 4.03
C MET B 256 31.00 9.41 4.86
N HIS B 257 30.31 8.40 4.35
CA HIS B 257 30.14 7.11 5.03
C HIS B 257 29.50 7.28 6.40
N ASP B 258 28.57 8.23 6.50
CA ASP B 258 27.87 8.56 7.75
C ASP B 258 28.87 8.96 8.83
N GLN B 259 30.04 9.40 8.40
CA GLN B 259 31.07 9.89 9.31
C GLN B 259 31.27 11.37 9.10
N GLY B 260 30.89 12.16 10.10
CA GLY B 260 30.93 13.61 10.00
C GLY B 260 29.66 14.22 10.54
N GLU B 261 29.26 15.37 10.01
CA GLU B 261 28.04 16.02 10.47
C GLU B 261 27.35 16.81 9.36
N VAL B 262 26.10 16.46 9.09
CA VAL B 262 25.30 17.18 8.10
C VAL B 262 24.14 17.92 8.76
N ILE B 263 24.23 19.24 8.79
CA ILE B 263 23.15 20.05 9.34
C ILE B 263 22.14 20.40 8.26
N ALA B 264 20.90 19.98 8.47
CA ALA B 264 19.83 20.27 7.52
C ALA B 264 18.89 21.30 8.11
N LEU B 265 18.58 22.35 7.34
CA LEU B 265 17.70 23.40 7.81
C LEU B 265 16.48 23.57 6.90
N ASP B 266 15.31 23.78 7.50
CA ASP B 266 14.14 24.13 6.69
C ASP B 266 13.13 24.95 7.49
N LYS B 267 12.37 25.77 6.77
CA LYS B 267 11.44 26.71 7.40
C LYS B 267 10.13 26.05 7.80
N ILE B 268 9.73 25.00 7.09
CA ILE B 268 8.46 24.33 7.35
C ILE B 268 8.65 23.08 8.20
N PHE B 269 7.92 23.03 9.31
CA PHE B 269 8.00 21.94 10.28
C PHE B 269 7.81 20.56 9.67
N ASN B 270 6.73 20.40 8.91
CA ASN B 270 6.41 19.13 8.27
C ASN B 270 7.52 18.62 7.36
N LYS B 271 8.13 19.53 6.60
CA LYS B 271 9.25 19.17 5.73
C LYS B 271 10.46 18.71 6.53
N VAL B 272 10.71 19.36 7.67
CA VAL B 272 11.81 18.98 8.54
C VAL B 272 11.60 17.58 9.10
N GLU B 273 10.37 17.32 9.56
CA GLU B 273 10.02 16.01 10.07
C GLU B 273 10.14 14.96 8.96
N LYS B 274 9.85 15.38 7.73
CA LYS B 274 9.99 14.50 6.57
C LYS B 274 11.47 14.17 6.34
N ILE B 275 12.33 15.17 6.51
CA ILE B 275 13.77 14.98 6.40
C ILE B 275 14.25 13.98 7.45
N LYS B 276 13.76 14.13 8.68
CA LYS B 276 14.09 13.20 9.74
C LYS B 276 13.60 11.79 9.41
N GLN B 277 12.42 11.70 8.81
CA GLN B 277 11.86 10.41 8.41
C GLN B 277 12.74 9.72 7.38
N ASN B 278 13.17 10.48 6.37
CA ASN B 278 14.01 9.93 5.31
C ASN B 278 15.40 9.55 5.83
N ALA B 279 15.95 10.39 6.71
CA ALA B 279 17.26 10.12 7.30
C ALA B 279 17.22 8.89 8.19
N LEU B 280 16.09 8.67 8.86
CA LEU B 280 15.93 7.50 9.72
C LEU B 280 15.71 6.25 8.88
N LEU B 281 14.98 6.40 7.78
CA LEU B 281 14.70 5.31 6.87
C LEU B 281 15.98 4.75 6.25
N LEU B 282 16.92 5.63 5.93
CA LEU B 282 18.16 5.21 5.27
C LEU B 282 19.24 4.86 6.28
N GLY B 283 18.91 4.95 7.57
CA GLY B 283 19.78 4.48 8.63
C GLY B 283 20.97 5.38 8.91
N LEU B 284 20.89 6.63 8.47
CA LEU B 284 21.96 7.60 8.69
C LEU B 284 21.88 8.20 10.10
N ASN B 285 23.04 8.59 10.64
CA ASN B 285 23.10 9.10 12.00
C ASN B 285 23.82 10.43 12.15
N SER B 286 24.54 10.84 11.10
CA SER B 286 25.33 12.06 11.15
C SER B 286 24.51 13.30 10.78
N ILE B 287 23.21 13.14 10.62
CA ILE B 287 22.35 14.24 10.22
C ILE B 287 21.62 14.88 11.40
N ARG B 288 21.67 16.21 11.46
CA ARG B 288 20.90 16.97 12.43
C ARG B 288 19.96 17.93 11.72
N ALA B 289 18.65 17.65 11.79
CA ALA B 289 17.66 18.47 11.11
C ALA B 289 17.02 19.50 12.03
N PHE B 290 16.74 20.68 11.49
CA PHE B 290 16.19 21.78 12.27
C PHE B 290 15.12 22.56 11.50
N CYS B 291 14.05 22.91 12.22
CA CYS B 291 13.05 23.83 11.71
C CYS B 291 13.51 25.27 11.96
N PHE B 292 14.20 25.84 10.99
CA PHE B 292 14.80 27.16 11.13
C PHE B 292 14.81 27.90 9.80
N ASP B 293 14.62 29.22 9.86
CA ASP B 293 14.65 30.03 8.65
C ASP B 293 16.09 30.23 8.21
N GLY B 294 16.40 29.80 6.99
CA GLY B 294 17.76 29.81 6.50
C GLY B 294 18.38 31.19 6.34
N THR B 295 17.53 32.21 6.26
CA THR B 295 18.01 33.58 6.12
C THR B 295 18.50 34.14 7.45
N LYS B 296 18.09 33.49 8.54
CA LYS B 296 18.47 33.92 9.88
C LYS B 296 19.47 32.96 10.51
N ALA B 297 20.15 32.18 9.67
CA ALA B 297 21.04 31.11 10.14
C ALA B 297 22.31 31.64 10.82
N VAL B 298 22.71 32.86 10.46
CA VAL B 298 23.93 33.44 11.00
C VAL B 298 23.70 34.01 12.40
N LYS B 299 24.60 33.68 13.32
CA LYS B 299 24.48 34.11 14.71
C LYS B 299 24.99 35.53 14.87
N LEU B 300 24.15 36.38 15.47
CA LEU B 300 24.47 37.79 15.62
C LEU B 300 25.64 38.01 16.59
N ASP B 301 25.48 37.52 17.82
CA ASP B 301 26.53 37.64 18.81
C ASP B 301 27.48 36.44 18.74
N MET B 302 28.64 36.56 19.36
CA MET B 302 29.63 35.49 19.33
C MET B 302 30.11 35.15 20.74
N GLU B 309 23.57 23.58 16.98
CA GLU B 309 22.21 24.10 17.00
C GLU B 309 22.16 25.52 16.44
N PRO B 310 21.27 25.77 15.48
CA PRO B 310 21.13 27.09 14.86
C PRO B 310 20.60 28.15 15.84
N PRO B 311 21.05 29.40 15.71
CA PRO B 311 21.97 29.87 14.66
C PRO B 311 23.43 29.49 14.92
N PHE B 312 24.25 29.54 13.87
CA PHE B 312 25.64 29.12 13.97
C PHE B 312 26.59 30.31 13.82
N LEU B 313 27.76 30.20 14.43
CA LEU B 313 28.78 31.23 14.32
C LEU B 313 29.36 31.25 12.91
N PRO B 314 29.77 32.43 12.43
CA PRO B 314 30.36 32.58 11.10
C PRO B 314 31.58 31.70 10.89
N GLU B 315 31.74 31.18 9.66
CA GLU B 315 32.87 30.34 9.29
C GLU B 315 33.05 29.14 10.22
N SER B 316 31.99 28.34 10.33
CA SER B 316 32.01 27.17 11.21
C SER B 316 31.72 25.88 10.44
N PHE B 317 31.43 26.01 9.15
CA PHE B 317 31.12 24.86 8.33
C PHE B 317 32.18 24.62 7.25
N ASP B 318 32.60 23.37 7.11
CA ASP B 318 33.58 23.00 6.10
C ASP B 318 33.01 23.12 4.69
N ARG B 319 31.78 22.63 4.51
CA ARG B 319 31.12 22.73 3.21
C ARG B 319 29.65 23.10 3.34
N ILE B 320 29.15 23.88 2.38
CA ILE B 320 27.77 24.31 2.40
C ILE B 320 27.08 24.10 1.06
N LEU B 321 25.92 23.45 1.10
CA LEU B 321 25.08 23.26 -0.07
C LEU B 321 23.85 24.16 -0.01
N LEU B 322 23.71 25.00 -1.02
CA LEU B 322 22.51 25.79 -1.21
C LEU B 322 21.71 25.26 -2.39
N ASP B 323 20.89 24.25 -2.12
CA ASP B 323 19.88 23.81 -3.07
C ASP B 323 18.71 24.76 -2.96
N ALA B 324 18.87 25.94 -3.53
CA ALA B 324 17.97 27.07 -3.28
C ALA B 324 16.57 26.82 -3.82
N PRO B 325 15.55 27.36 -3.11
CA PRO B 325 14.18 27.38 -3.62
C PRO B 325 14.10 28.24 -4.87
N CYS B 326 13.52 27.71 -5.93
CA CYS B 326 13.47 28.41 -7.21
C CYS B 326 12.10 28.27 -7.84
N SER B 327 11.96 28.83 -9.05
CA SER B 327 10.70 28.75 -9.77
C SER B 327 10.41 27.31 -10.20
N GLY B 328 11.45 26.49 -10.24
CA GLY B 328 11.30 25.07 -10.54
C GLY B 328 10.76 24.82 -11.93
N MET B 329 10.92 25.79 -12.82
CA MET B 329 10.39 25.68 -14.17
C MET B 329 11.30 24.87 -15.10
N GLY B 330 11.99 23.91 -14.52
CA GLY B 330 12.86 23.02 -15.28
C GLY B 330 12.50 21.58 -14.98
N GLN B 331 11.50 21.39 -14.12
CA GLN B 331 11.04 20.07 -13.73
C GLN B 331 10.36 19.36 -14.90
N ARG B 332 10.62 18.07 -15.03
CA ARG B 332 10.01 17.27 -16.08
C ARG B 332 9.48 15.96 -15.51
N PRO B 333 8.28 15.54 -15.93
CA PRO B 333 7.42 16.27 -16.87
C PRO B 333 6.59 17.38 -16.22
N ASN B 334 6.20 18.37 -17.01
CA ASN B 334 5.39 19.48 -16.51
C ASN B 334 4.58 20.13 -17.63
N MET B 335 3.27 19.91 -17.61
CA MET B 335 2.41 20.37 -18.70
C MET B 335 1.98 21.82 -18.51
N ALA B 336 1.98 22.29 -17.28
CA ALA B 336 1.51 23.65 -17.00
C ALA B 336 2.13 24.27 -15.75
N CYS B 337 2.11 25.59 -15.70
CA CYS B 337 2.59 26.35 -14.56
C CYS B 337 1.72 27.59 -14.38
N THR B 338 0.80 27.52 -13.43
CA THR B 338 -0.15 28.62 -13.20
C THR B 338 0.42 29.67 -12.24
N TRP B 339 1.55 30.26 -12.62
CA TRP B 339 2.21 31.24 -11.76
C TRP B 339 2.20 32.62 -12.39
N SER B 340 2.18 33.65 -11.55
CA SER B 340 2.32 35.03 -12.01
C SER B 340 3.79 35.33 -12.27
N VAL B 341 4.05 36.46 -12.93
CA VAL B 341 5.41 36.88 -13.21
C VAL B 341 6.12 37.27 -11.91
N LYS B 342 5.38 37.90 -11.02
CA LYS B 342 5.91 38.36 -9.75
C LYS B 342 6.46 37.20 -8.91
N GLU B 343 5.74 36.08 -8.91
CA GLU B 343 6.17 34.87 -8.21
C GLU B 343 7.50 34.35 -8.76
N VAL B 344 7.56 34.22 -10.09
CA VAL B 344 8.75 33.76 -10.78
C VAL B 344 9.95 34.68 -10.51
N ALA B 345 9.69 35.98 -10.43
CA ALA B 345 10.74 36.97 -10.33
C ALA B 345 11.06 37.34 -8.88
N SER B 346 10.38 36.69 -7.95
CA SER B 346 10.60 36.99 -6.54
C SER B 346 11.60 36.04 -5.88
N TYR B 347 12.22 35.16 -6.67
CA TYR B 347 13.13 34.17 -6.12
C TYR B 347 14.56 34.68 -6.03
N GLN B 348 14.95 35.55 -6.95
CA GLN B 348 16.30 36.10 -6.97
C GLN B 348 16.69 36.78 -5.65
N PRO B 349 15.84 37.67 -5.10
CA PRO B 349 16.24 38.29 -3.82
C PRO B 349 16.38 37.28 -2.68
N LEU B 350 15.43 36.36 -2.58
CA LEU B 350 15.49 35.31 -1.56
C LEU B 350 16.77 34.49 -1.69
N GLN B 351 17.05 34.08 -2.92
CA GLN B 351 18.27 33.33 -3.22
C GLN B 351 19.52 34.10 -2.82
N ARG B 352 19.52 35.41 -3.03
CA ARG B 352 20.66 36.23 -2.68
C ARG B 352 20.80 36.41 -1.17
N LYS B 353 19.66 36.41 -0.48
CA LYS B 353 19.64 36.50 0.98
C LYS B 353 20.26 35.22 1.58
N LEU B 354 19.74 34.09 1.15
CA LEU B 354 20.25 32.79 1.57
C LEU B 354 21.73 32.64 1.21
N PHE B 355 22.09 33.17 0.04
CA PHE B 355 23.46 33.12 -0.44
C PHE B 355 24.39 33.92 0.46
N THR B 356 23.96 35.12 0.85
CA THR B 356 24.74 35.95 1.76
C THR B 356 24.96 35.23 3.08
N ALA B 357 23.88 34.66 3.61
CA ALA B 357 23.98 33.86 4.83
C ALA B 357 25.01 32.73 4.67
N ALA B 358 24.94 32.04 3.54
CA ALA B 358 25.85 30.94 3.22
C ALA B 358 27.31 31.39 3.22
N VAL B 359 27.59 32.47 2.50
CA VAL B 359 28.94 33.03 2.42
C VAL B 359 29.44 33.39 3.81
N GLN B 360 28.56 33.96 4.63
CA GLN B 360 28.93 34.32 5.99
C GLN B 360 29.25 33.09 6.84
N LEU B 361 28.56 31.98 6.57
CA LEU B 361 28.75 30.77 7.36
C LEU B 361 29.87 29.86 6.85
N LEU B 362 30.42 30.17 5.68
CA LEU B 362 31.44 29.32 5.06
C LEU B 362 32.85 29.59 5.61
N LYS B 363 33.58 28.52 5.88
CA LYS B 363 34.95 28.61 6.38
C LYS B 363 35.87 29.28 5.35
N PRO B 364 36.98 29.89 5.82
CA PRO B 364 37.94 30.59 4.95
C PRO B 364 38.44 29.82 3.74
N GLU B 365 38.40 28.50 3.77
CA GLU B 365 38.88 27.72 2.64
C GLU B 365 37.90 26.60 2.33
N GLY B 366 36.64 26.81 2.70
CA GLY B 366 35.59 25.85 2.47
C GLY B 366 34.95 25.96 1.11
N VAL B 367 34.00 25.07 0.83
CA VAL B 367 33.37 25.00 -0.49
C VAL B 367 31.86 25.22 -0.42
N LEU B 368 31.36 26.10 -1.28
CA LEU B 368 29.93 26.37 -1.38
C LEU B 368 29.39 25.94 -2.74
N VAL B 369 28.32 25.17 -2.74
CA VAL B 369 27.70 24.77 -4.01
C VAL B 369 26.29 25.35 -4.13
N TYR B 370 26.06 26.09 -5.20
CA TYR B 370 24.74 26.67 -5.44
C TYR B 370 24.02 25.93 -6.57
N SER B 371 22.84 25.40 -6.27
CA SER B 371 22.11 24.63 -7.27
C SER B 371 20.64 24.99 -7.34
N THR B 372 20.09 24.98 -8.55
CA THR B 372 18.66 25.20 -8.77
C THR B 372 18.11 24.20 -9.77
N CYS B 373 16.79 24.02 -9.77
CA CYS B 373 16.13 23.16 -10.75
C CYS B 373 15.27 24.02 -11.67
N THR B 374 15.71 25.25 -11.92
CA THR B 374 15.02 26.16 -12.82
C THR B 374 15.92 26.51 -13.99
N ILE B 375 15.38 27.22 -14.98
CA ILE B 375 16.09 27.47 -16.23
C ILE B 375 16.32 28.95 -16.53
N THR B 376 15.80 29.82 -15.68
CA THR B 376 15.87 31.26 -15.93
C THR B 376 17.28 31.82 -15.72
N LEU B 377 17.59 32.90 -16.42
CA LEU B 377 18.86 33.60 -16.26
C LEU B 377 18.98 34.24 -14.88
N ALA B 378 17.88 34.85 -14.44
CA ALA B 378 17.85 35.62 -13.20
C ALA B 378 18.19 34.77 -11.97
N GLU B 379 17.87 33.48 -12.04
CA GLU B 379 18.05 32.60 -10.89
C GLU B 379 19.31 31.74 -10.99
N ASN B 380 20.07 31.91 -12.07
CA ASN B 380 21.25 31.09 -12.29
C ASN B 380 22.52 31.89 -12.56
N GLU B 381 22.74 32.25 -13.83
CA GLU B 381 23.98 32.90 -14.24
C GLU B 381 24.12 34.31 -13.65
N GLU B 382 23.02 35.05 -13.62
CA GLU B 382 23.03 36.38 -13.05
C GLU B 382 23.38 36.33 -11.57
N GLN B 383 23.01 35.24 -10.91
CA GLN B 383 23.33 35.02 -9.51
C GLN B 383 24.81 34.72 -9.34
N VAL B 384 25.40 34.05 -10.32
CA VAL B 384 26.83 33.76 -10.30
C VAL B 384 27.63 35.04 -10.48
N ALA B 385 27.20 35.88 -11.43
CA ALA B 385 27.84 37.17 -11.65
C ALA B 385 27.73 38.04 -10.40
N TRP B 386 26.52 38.12 -9.86
CA TRP B 386 26.26 38.86 -8.64
C TRP B 386 27.14 38.37 -7.49
N ALA B 387 27.29 37.06 -7.38
CA ALA B 387 28.07 36.46 -6.31
C ALA B 387 29.56 36.76 -6.46
N LEU B 388 30.06 36.68 -7.68
CA LEU B 388 31.47 36.93 -7.95
C LEU B 388 31.80 38.42 -7.82
N THR B 389 30.79 39.26 -7.96
CA THR B 389 30.98 40.71 -7.82
C THR B 389 30.90 41.16 -6.37
N LYS B 390 29.86 40.71 -5.67
CA LYS B 390 29.59 41.16 -4.30
C LYS B 390 30.55 40.53 -3.28
N PHE B 391 31.07 39.35 -3.61
CA PHE B 391 31.97 38.64 -2.70
C PHE B 391 33.33 38.39 -3.34
N PRO B 392 34.30 39.28 -3.09
CA PRO B 392 35.66 39.14 -3.61
C PRO B 392 36.38 37.92 -3.03
N CYS B 393 35.92 37.45 -1.87
CA CYS B 393 36.53 36.29 -1.21
C CYS B 393 36.18 34.98 -1.89
N LEU B 394 35.20 35.01 -2.80
CA LEU B 394 34.78 33.81 -3.50
C LEU B 394 35.43 33.65 -4.87
N GLN B 395 35.75 32.41 -5.21
CA GLN B 395 36.33 32.09 -6.52
C GLN B 395 35.59 30.92 -7.16
N LEU B 396 35.19 31.08 -8.41
CA LEU B 396 34.51 30.03 -9.14
C LEU B 396 35.45 28.88 -9.46
N GLN B 397 34.96 27.65 -9.28
CA GLN B 397 35.78 26.47 -9.50
C GLN B 397 35.12 25.52 -10.51
N PRO B 398 35.95 24.76 -11.27
CA PRO B 398 35.43 23.75 -12.17
C PRO B 398 34.77 22.60 -11.42
N GLN B 399 33.93 21.84 -12.09
CA GLN B 399 33.17 20.78 -11.44
C GLN B 399 33.46 19.41 -12.03
N GLU B 400 33.50 18.40 -11.16
CA GLU B 400 33.68 17.02 -11.60
C GLU B 400 32.72 16.11 -10.84
N PRO B 401 32.03 15.21 -11.56
CA PRO B 401 32.13 15.02 -13.01
C PRO B 401 31.27 16.01 -13.80
N GLN B 402 31.60 16.19 -15.06
CA GLN B 402 30.81 17.01 -15.97
C GLN B 402 29.84 16.16 -16.79
N ILE B 403 28.55 16.46 -16.66
CA ILE B 403 27.52 15.69 -17.35
C ILE B 403 26.73 16.58 -18.30
N GLY B 404 26.50 17.83 -17.88
CA GLY B 404 25.70 18.75 -18.65
C GLY B 404 26.53 19.79 -19.38
N GLY B 405 25.88 20.51 -20.29
CA GLY B 405 26.55 21.55 -21.06
C GLY B 405 27.03 22.72 -20.23
N GLU B 406 27.60 23.72 -20.90
CA GLU B 406 28.15 24.88 -20.21
C GLU B 406 27.06 25.89 -19.87
N GLY B 407 27.43 26.91 -19.11
CA GLY B 407 26.48 27.94 -18.70
C GLY B 407 25.89 28.73 -19.85
N MET B 408 24.68 29.25 -19.63
CA MET B 408 23.99 30.02 -20.65
C MET B 408 24.44 31.47 -20.69
N ARG B 409 24.59 32.01 -21.89
CA ARG B 409 24.98 33.40 -22.08
C ARG B 409 23.84 34.35 -21.73
N GLY B 410 24.20 35.58 -21.34
CA GLY B 410 23.21 36.60 -21.01
C GLY B 410 23.65 37.43 -19.82
N ALA B 411 24.58 36.91 -19.04
CA ALA B 411 25.10 37.62 -17.88
C ALA B 411 26.48 38.18 -18.20
N GLY B 412 27.08 38.88 -17.24
CA GLY B 412 28.40 39.43 -17.45
C GLY B 412 29.47 38.42 -17.08
N LEU B 413 29.45 37.28 -17.75
CA LEU B 413 30.41 36.22 -17.48
C LEU B 413 31.16 35.77 -18.73
N SER B 414 32.45 35.50 -18.59
CA SER B 414 33.29 35.03 -19.69
C SER B 414 32.96 33.60 -20.08
N CYS B 415 33.47 33.16 -21.23
CA CYS B 415 33.24 31.81 -21.72
C CYS B 415 33.86 30.77 -20.79
N GLU B 416 35.01 31.13 -20.22
CA GLU B 416 35.72 30.25 -19.30
C GLU B 416 34.91 30.06 -18.02
N GLN B 417 34.28 31.13 -17.57
CA GLN B 417 33.41 31.07 -16.41
C GLN B 417 32.18 30.20 -16.70
N LEU B 418 31.71 30.24 -17.95
CA LEU B 418 30.57 29.45 -18.37
C LEU B 418 30.90 27.96 -18.46
N LYS B 419 32.15 27.65 -18.82
CA LYS B 419 32.57 26.27 -18.97
C LYS B 419 32.81 25.60 -17.62
N GLN B 420 32.81 26.40 -16.55
CA GLN B 420 32.97 25.87 -15.21
C GLN B 420 31.63 25.64 -14.52
N LEU B 421 30.56 26.12 -15.14
CA LEU B 421 29.20 25.92 -14.62
C LEU B 421 28.57 24.69 -15.26
N GLN B 422 27.54 24.14 -14.62
CA GLN B 422 26.81 23.03 -15.23
C GLN B 422 25.34 23.36 -15.44
N ARG B 423 24.93 23.47 -16.70
CA ARG B 423 23.53 23.71 -17.03
C ARG B 423 22.98 22.57 -17.87
N PHE B 424 21.86 22.00 -17.43
CA PHE B 424 21.23 20.90 -18.15
C PHE B 424 20.11 21.39 -19.05
N ASP B 425 20.25 21.12 -20.34
CA ASP B 425 19.26 21.56 -21.33
C ASP B 425 18.31 20.44 -21.69
N PRO B 426 17.02 20.60 -21.34
CA PRO B 426 15.96 19.62 -21.65
C PRO B 426 15.82 19.38 -23.16
N SER B 427 16.13 20.40 -23.96
CA SER B 427 16.02 20.27 -25.41
C SER B 427 17.39 20.32 -26.09
N ALA B 428 18.12 19.21 -26.02
CA ALA B 428 19.41 19.10 -26.67
C ALA B 428 19.38 18.04 -27.76
N VAL B 429 18.50 17.05 -27.57
CA VAL B 429 18.29 15.99 -28.55
C VAL B 429 16.82 15.89 -28.91
N PRO B 430 16.51 15.38 -30.11
CA PRO B 430 15.10 15.17 -30.47
C PRO B 430 14.44 14.13 -29.56
N LEU B 431 13.11 14.20 -29.43
CA LEU B 431 12.39 13.32 -28.53
C LEU B 431 12.38 11.87 -29.02
N PRO B 432 12.82 10.95 -28.16
CA PRO B 432 12.93 9.50 -28.43
C PRO B 432 11.59 8.80 -28.58
N ASP B 433 11.64 7.51 -28.91
CA ASP B 433 10.43 6.70 -29.04
C ASP B 433 10.73 5.25 -28.67
N MET B 447 22.30 4.73 -24.92
CA MET B 447 21.30 5.02 -23.90
C MET B 447 21.83 6.06 -22.90
N LEU B 448 23.11 5.96 -22.58
CA LEU B 448 23.73 6.85 -21.60
C LEU B 448 23.72 8.31 -22.05
N ARG B 449 23.88 8.52 -23.36
CA ARG B 449 23.83 9.87 -23.92
C ARG B 449 22.49 10.51 -23.63
N LEU B 450 21.42 9.75 -23.86
CA LEU B 450 20.06 10.21 -23.60
C LEU B 450 19.86 10.51 -22.11
N ALA B 451 20.31 9.60 -21.26
CA ALA B 451 20.17 9.76 -19.82
C ALA B 451 20.90 11.01 -19.32
N ASN B 452 22.02 11.33 -19.97
CA ASN B 452 22.82 12.49 -19.58
C ASN B 452 22.25 13.80 -20.10
N LYS B 453 21.80 13.79 -21.36
CA LYS B 453 21.35 15.01 -22.01
C LYS B 453 19.84 15.22 -21.91
N ASP B 454 19.06 14.20 -22.26
CA ASP B 454 17.61 14.30 -22.13
C ASP B 454 17.20 14.22 -20.67
N SER B 455 17.33 15.34 -19.96
CA SER B 455 17.05 15.39 -18.54
C SER B 455 16.21 16.62 -18.21
N ILE B 456 16.11 16.94 -16.93
CA ILE B 456 15.38 18.12 -16.48
C ILE B 456 16.28 19.35 -16.53
N GLY B 457 15.66 20.53 -16.46
CA GLY B 457 16.41 21.77 -16.41
C GLY B 457 17.03 21.96 -15.04
N PHE B 458 18.34 22.14 -15.01
CA PHE B 458 19.06 22.24 -13.74
C PHE B 458 20.31 23.10 -13.88
N PHE B 459 20.74 23.70 -12.77
CA PHE B 459 21.90 24.58 -12.76
C PHE B 459 22.76 24.37 -11.52
N ILE B 460 24.07 24.18 -11.73
CA ILE B 460 25.01 23.98 -10.65
C ILE B 460 26.25 24.87 -10.80
N ALA B 461 26.60 25.55 -9.70
CA ALA B 461 27.79 26.40 -9.66
C ALA B 461 28.59 26.10 -8.40
N LYS B 462 29.91 26.05 -8.53
CA LYS B 462 30.77 25.70 -7.39
C LYS B 462 31.76 26.82 -7.05
N PHE B 463 31.84 27.15 -5.77
CA PHE B 463 32.71 28.22 -5.29
C PHE B 463 33.63 27.77 -4.15
N VAL B 464 34.81 28.38 -4.09
CA VAL B 464 35.69 28.22 -2.94
C VAL B 464 35.94 29.58 -2.29
N LYS B 465 36.07 29.61 -0.97
CA LYS B 465 36.31 30.87 -0.27
C LYS B 465 37.80 31.08 -0.04
N CYS B 466 38.21 32.34 0.09
CA CYS B 466 39.61 32.68 0.33
C CYS B 466 39.73 34.00 1.10
#